data_3EXI
#
_entry.id   3EXI
#
_cell.length_a   154.378
_cell.length_b   154.378
_cell.length_c   82.949
_cell.angle_alpha   90.000
_cell.angle_beta   90.000
_cell.angle_gamma   120.000
#
_symmetry.space_group_name_H-M   'P 32 2 1'
#
loop_
_entity.id
_entity.type
_entity.pdbx_description
1 polymer 'Pyruvate dehydrogenase E1 component subunit alpha, somatic form, mitochondrial'
2 polymer 'Pyruvate dehydrogenase E1 component subunit beta, mitochondrial'
3 non-polymer 'POTASSIUM ION'
4 non-polymer 'CHLORIDE ION'
5 water water
#
loop_
_entity_poly.entity_id
_entity_poly.type
_entity_poly.pdbx_seq_one_letter_code
_entity_poly.pdbx_strand_id
1 'polypeptide(L)'
;MGSSHHHHHHSSGLVPRGSHMFANDATFEIKKCDLHRLEEGPPVTTVLTREDGLKYYRMMQTVRRMELKADQLYKQKIIR
GFCHLCDGQEACCVGLEAGINPTDHLITAFRAHGFTFTRGLSVREILAELTGRKGGCAKGKGGSMHMYAKNFYGGNGIVG
AQVPLGAGIALACKYNGKDEVCLTLYGDGAANQGQIFEAYNMAALWKLPCIFICENNRYGMGTSVERAAASTDYYKRGDF
IPGLRVDGMDILCVREATRFAAAYCRSGKGPILMELQTYRYHGHSMSDPGVSYRTREEIQEVRSKSDPIMLLKDRMVNSN
LASVEELKEIDVEVRKEIEDAAQFATADPEPPLEELGYHIYSSDPPFEVRGANQWIKFKSVS
;
A
2 'polypeptide(L)'
;LQVTVRDAINQGMDEELERDEKVFLLGEEVAQYDGAYKVSRGLWKKYGDKRIIDTPISEMGFAGIAVGAAMAGLRPICEF
MTFNFSMQAIDQVINSAAKTYYMSGGLQPVPIVFRGPNGASAGVAAQHSQCFAAWYGHCPGLKVVSPWNSEDAKGLIKSA
IRDNNPVVVLENELMYGVPFEFPPEAQSKDFLIPIGKAKIERQGTHITVVSHSRPVGHCLEAAAVLSKEGVECEVINMRT
IRPMDMETIEASVMKTNHLVTVEGGWPQFGVGAEICARIMEGPAFNFLDAPAVRVTGADVPMPYAKILEDNSIPQVKDII
FAIKKTLNI
;
B
#
loop_
_chem_comp.id
_chem_comp.type
_chem_comp.name
_chem_comp.formula
CL non-polymer 'CHLORIDE ION' 'Cl -1'
K non-polymer 'POTASSIUM ION' 'K 1'
#
# COMPACT_ATOMS: atom_id res chain seq x y z
N SER A 12 -29.22 21.24 -47.25
CA SER A 12 -30.10 22.47 -47.13
C SER A 12 -30.14 23.10 -45.71
N GLY A 13 -29.94 22.31 -44.70
CA GLY A 13 -29.83 22.88 -43.36
C GLY A 13 -31.07 22.93 -42.50
N LEU A 14 -32.18 22.40 -43.02
CA LEU A 14 -33.46 22.52 -42.36
C LEU A 14 -33.67 21.36 -41.41
N VAL A 15 -32.87 20.31 -41.57
CA VAL A 15 -32.91 19.17 -40.69
C VAL A 15 -31.50 18.90 -40.20
N PRO A 16 -31.35 18.51 -38.93
CA PRO A 16 -30.05 18.28 -38.35
C PRO A 16 -29.31 17.25 -39.18
N ARG A 17 -28.02 17.50 -39.46
CA ARG A 17 -27.16 16.51 -40.19
C ARG A 17 -27.13 15.18 -39.47
N GLY A 18 -27.28 15.18 -38.16
CA GLY A 18 -27.28 13.95 -37.40
C GLY A 18 -28.63 13.29 -37.23
N SER A 19 -29.65 13.84 -37.86
CA SER A 19 -30.95 13.26 -37.80
C SER A 19 -30.81 11.85 -38.33
N HIS A 20 -31.41 10.86 -37.64
CA HIS A 20 -31.37 9.46 -38.15
C HIS A 20 -32.78 8.80 -38.22
N MET A 21 -32.81 7.52 -38.55
CA MET A 21 -34.04 6.79 -38.87
C MET A 21 -34.69 6.04 -37.71
N PHE A 22 -34.02 6.04 -36.55
CA PHE A 22 -34.27 5.10 -35.47
C PHE A 22 -35.05 5.74 -34.36
N ALA A 23 -35.45 4.90 -33.39
CA ALA A 23 -36.02 5.37 -32.13
C ALA A 23 -34.91 6.01 -31.35
N ASN A 24 -35.22 6.97 -30.50
CA ASN A 24 -34.19 7.60 -29.70
C ASN A 24 -33.93 6.90 -28.39
N ASP A 25 -34.95 6.16 -27.94
CA ASP A 25 -34.90 5.48 -26.62
C ASP A 25 -35.98 4.38 -26.59
N ALA A 26 -35.82 3.41 -25.68
CA ALA A 26 -36.81 2.36 -25.51
C ALA A 26 -36.82 1.95 -24.03
N THR A 27 -37.90 1.38 -23.53
CA THR A 27 -37.96 1.00 -22.12
C THR A 27 -37.80 -0.51 -22.04
N PHE A 28 -36.90 -0.98 -21.16
CA PHE A 28 -36.64 -2.41 -21.04
C PHE A 28 -36.95 -2.98 -19.67
N GLU A 29 -37.42 -4.23 -19.66
CA GLU A 29 -37.54 -4.97 -18.41
C GLU A 29 -36.21 -5.58 -17.98
N ILE A 30 -35.82 -5.36 -16.75
CA ILE A 30 -34.60 -5.96 -16.23
C ILE A 30 -35.03 -6.83 -15.03
N LYS A 31 -34.33 -7.94 -14.88
CA LYS A 31 -34.54 -8.86 -13.78
C LYS A 31 -34.59 -8.16 -12.41
N LYS A 32 -35.51 -8.56 -11.54
CA LYS A 32 -35.58 -8.02 -10.19
C LYS A 32 -34.45 -8.59 -9.34
N CYS A 33 -33.83 -7.73 -8.52
CA CYS A 33 -32.73 -8.20 -7.64
C CYS A 33 -33.27 -8.84 -6.37
N ASP A 34 -32.71 -9.97 -5.98
CA ASP A 34 -32.94 -10.48 -4.63
C ASP A 34 -32.35 -9.48 -3.65
N LEU A 35 -33.05 -9.24 -2.56
CA LEU A 35 -32.62 -8.25 -1.59
C LEU A 35 -32.23 -8.82 -0.24
N HIS A 36 -31.21 -8.24 0.35
CA HIS A 36 -30.86 -8.59 1.70
C HIS A 36 -30.93 -7.33 2.54
N ARG A 37 -31.96 -7.24 3.39
CA ARG A 37 -32.09 -6.17 4.39
C ARG A 37 -32.35 -4.82 3.73
N LEU A 38 -33.09 -4.86 2.63
CA LEU A 38 -33.50 -3.67 1.95
C LEU A 38 -34.97 -3.89 1.69
N GLU A 39 -35.77 -2.84 1.88
CA GLU A 39 -37.21 -2.99 1.66
C GLU A 39 -37.52 -2.88 0.18
N GLU A 40 -36.76 -2.04 -0.51
CA GLU A 40 -37.05 -1.65 -1.87
C GLU A 40 -35.76 -1.68 -2.66
N GLY A 41 -35.71 -2.45 -3.74
CA GLY A 41 -34.49 -2.56 -4.54
C GLY A 41 -34.45 -1.64 -5.77
N PRO A 42 -33.59 -1.96 -6.74
CA PRO A 42 -33.61 -1.18 -7.97
C PRO A 42 -34.90 -1.43 -8.79
N PRO A 43 -35.27 -0.47 -9.67
CA PRO A 43 -36.47 -0.62 -10.52
C PRO A 43 -36.34 -1.84 -11.44
N VAL A 44 -37.47 -2.31 -11.99
CA VAL A 44 -37.44 -3.51 -12.84
C VAL A 44 -37.67 -3.14 -14.27
N THR A 45 -37.69 -1.84 -14.54
CA THR A 45 -37.60 -1.33 -15.90
C THR A 45 -36.54 -0.26 -15.96
N THR A 46 -35.99 -0.05 -17.15
CA THR A 46 -35.08 1.05 -17.34
C THR A 46 -35.19 1.57 -18.76
N VAL A 47 -34.83 2.83 -18.92
CA VAL A 47 -34.78 3.45 -20.25
C VAL A 47 -33.36 3.37 -20.82
N LEU A 48 -33.23 2.87 -22.04
CA LEU A 48 -31.98 2.94 -22.80
C LEU A 48 -32.13 3.98 -23.94
N THR A 49 -31.19 4.93 -24.05
CA THR A 49 -31.09 5.80 -25.21
C THR A 49 -30.27 5.11 -26.31
N ARG A 50 -30.67 5.33 -27.58
CA ARG A 50 -29.82 4.96 -28.67
C ARG A 50 -28.33 5.29 -28.45
N GLU A 51 -28.02 6.52 -28.06
CA GLU A 51 -26.62 6.92 -27.87
C GLU A 51 -25.87 6.04 -26.84
N ASP A 52 -26.48 5.84 -25.67
CA ASP A 52 -25.91 4.97 -24.64
C ASP A 52 -25.81 3.54 -25.15
N GLY A 53 -26.79 3.06 -25.90
CA GLY A 53 -26.75 1.66 -26.29
C GLY A 53 -25.59 1.38 -27.22
N LEU A 54 -25.43 2.23 -28.22
CA LEU A 54 -24.27 2.24 -29.11
C LEU A 54 -22.94 2.37 -28.35
N LYS A 55 -22.92 3.23 -27.34
CA LYS A 55 -21.74 3.34 -26.49
C LYS A 55 -21.39 2.03 -25.75
N TYR A 56 -22.39 1.44 -25.07
CA TYR A 56 -22.19 0.22 -24.30
C TYR A 56 -21.81 -0.93 -25.21
N TYR A 57 -22.45 -0.96 -26.36
CA TYR A 57 -22.21 -2.01 -27.33
C TYR A 57 -20.76 -1.90 -27.82
N ARG A 58 -20.30 -0.68 -28.11
CA ARG A 58 -18.91 -0.54 -28.60
C ARG A 58 -17.91 -0.93 -27.50
N MET A 59 -18.13 -0.43 -26.28
CA MET A 59 -17.27 -0.76 -25.13
C MET A 59 -17.20 -2.23 -24.82
N MET A 60 -18.31 -2.95 -24.80
CA MET A 60 -18.27 -4.37 -24.45
C MET A 60 -17.53 -5.15 -25.54
N GLN A 61 -17.83 -4.78 -26.78
CA GLN A 61 -17.25 -5.42 -27.94
C GLN A 61 -15.73 -5.18 -27.98
N THR A 62 -15.29 -3.99 -27.55
CA THR A 62 -13.87 -3.73 -27.46
C THR A 62 -13.15 -4.57 -26.38
N VAL A 63 -13.69 -4.59 -25.15
CA VAL A 63 -13.23 -5.52 -24.13
C VAL A 63 -13.19 -6.97 -24.65
N ARG A 64 -14.27 -7.44 -25.27
CA ARG A 64 -14.36 -8.82 -25.76
C ARG A 64 -13.19 -9.10 -26.72
N ARG A 65 -13.05 -8.31 -27.79
CA ARG A 65 -11.95 -8.48 -28.78
C ARG A 65 -10.55 -8.24 -28.17
N MET A 66 -10.41 -7.25 -27.30
CA MET A 66 -9.14 -7.13 -26.57
C MET A 66 -8.73 -8.43 -25.81
N GLU A 67 -9.68 -9.04 -25.10
CA GLU A 67 -9.37 -10.22 -24.27
C GLU A 67 -9.11 -11.43 -25.16
N LEU A 68 -9.83 -11.57 -26.26
CA LEU A 68 -9.55 -12.67 -27.19
C LEU A 68 -8.15 -12.47 -27.79
N LYS A 69 -7.77 -11.22 -27.98
CA LYS A 69 -6.51 -10.92 -28.63
C LYS A 69 -5.39 -11.24 -27.68
N ALA A 70 -5.53 -10.73 -26.45
CA ALA A 70 -4.61 -11.08 -25.34
C ALA A 70 -4.42 -12.59 -25.26
N ASP A 71 -5.48 -13.37 -25.38
CA ASP A 71 -5.34 -14.80 -25.28
C ASP A 71 -4.51 -15.37 -26.42
N GLN A 72 -4.69 -14.82 -27.62
CA GLN A 72 -3.88 -15.23 -28.77
C GLN A 72 -2.39 -15.02 -28.55
N LEU A 73 -2.06 -13.82 -28.09
CA LEU A 73 -0.69 -13.37 -27.79
C LEU A 73 -0.09 -14.21 -26.68
N TYR A 74 -0.90 -14.51 -25.66
CA TYR A 74 -0.51 -15.40 -24.57
C TYR A 74 -0.16 -16.80 -25.06
N LYS A 75 -1.03 -17.41 -25.87
CA LYS A 75 -0.73 -18.73 -26.44
C LYS A 75 0.56 -18.67 -27.28
N GLN A 76 0.86 -17.48 -27.81
CA GLN A 76 2.06 -17.32 -28.62
C GLN A 76 3.27 -17.12 -27.75
N LYS A 77 3.09 -17.11 -26.43
CA LYS A 77 4.17 -16.89 -25.45
C LYS A 77 4.70 -15.45 -25.51
N ILE A 78 3.95 -14.52 -26.09
CA ILE A 78 4.37 -13.11 -26.16
C ILE A 78 3.99 -12.41 -24.88
N ILE A 79 2.86 -12.80 -24.31
CA ILE A 79 2.56 -12.44 -22.93
C ILE A 79 3.11 -13.53 -22.01
N ARG A 80 3.77 -13.16 -20.91
CA ARG A 80 4.29 -14.16 -19.96
C ARG A 80 3.51 -14.11 -18.62
N GLY A 81 3.70 -15.14 -17.78
CA GLY A 81 3.18 -15.13 -16.40
C GLY A 81 1.67 -15.29 -16.40
N PHE A 82 0.98 -14.38 -15.74
CA PHE A 82 -0.46 -14.46 -15.66
C PHE A 82 -1.14 -13.72 -16.81
N CYS A 83 -2.33 -14.16 -17.18
CA CYS A 83 -3.11 -13.39 -18.11
C CYS A 83 -4.59 -13.70 -17.86
N HIS A 84 -5.17 -13.05 -16.84
CA HIS A 84 -6.54 -13.35 -16.49
C HIS A 84 -7.47 -12.56 -17.40
N LEU A 85 -8.43 -13.26 -17.97
CA LEU A 85 -9.37 -12.62 -18.89
C LEU A 85 -10.80 -12.46 -18.32
N CYS A 86 -11.46 -11.38 -18.75
CA CYS A 86 -12.83 -11.16 -18.39
C CYS A 86 -13.81 -11.35 -19.56
N ASP A 87 -13.45 -12.09 -20.61
CA ASP A 87 -14.43 -12.26 -21.67
C ASP A 87 -15.64 -13.01 -21.15
N GLY A 88 -16.83 -12.56 -21.52
CA GLY A 88 -18.06 -13.15 -21.03
C GLY A 88 -18.58 -12.27 -19.91
N GLN A 89 -17.72 -11.43 -19.35
CA GLN A 89 -18.12 -10.62 -18.22
C GLN A 89 -18.24 -9.13 -18.54
N GLU A 90 -18.39 -8.80 -19.81
CA GLU A 90 -18.35 -7.40 -20.20
C GLU A 90 -19.50 -6.56 -19.68
N ALA A 91 -20.63 -7.18 -19.30
CA ALA A 91 -21.79 -6.43 -18.75
C ALA A 91 -21.47 -5.83 -17.40
N CYS A 92 -20.53 -6.48 -16.71
CA CYS A 92 -19.99 -5.98 -15.44
C CYS A 92 -19.12 -4.72 -15.53
N CYS A 93 -17.96 -4.79 -16.20
CA CYS A 93 -17.12 -3.63 -16.20
C CYS A 93 -17.81 -2.50 -16.91
N VAL A 94 -18.49 -2.81 -18.00
CA VAL A 94 -19.22 -1.73 -18.70
C VAL A 94 -20.46 -1.23 -17.97
N GLY A 95 -21.29 -2.17 -17.51
CA GLY A 95 -22.47 -1.89 -16.64
C GLY A 95 -22.08 -1.04 -15.45
N LEU A 96 -21.00 -1.43 -14.77
CA LEU A 96 -20.54 -0.71 -13.60
C LEU A 96 -20.09 0.67 -13.98
N GLU A 97 -19.30 0.79 -15.05
CA GLU A 97 -18.85 2.09 -15.46
C GLU A 97 -20.06 3.03 -15.75
N ALA A 98 -21.06 2.42 -16.33
CA ALA A 98 -22.25 3.18 -16.72
C ALA A 98 -23.03 3.69 -15.51
N GLY A 99 -22.92 3.03 -14.35
CA GLY A 99 -23.69 3.52 -13.15
C GLY A 99 -22.94 4.47 -12.24
N ILE A 100 -21.72 4.81 -12.64
CA ILE A 100 -20.88 5.67 -11.78
C ILE A 100 -20.29 6.81 -12.58
N ASN A 101 -19.67 7.73 -11.85
CA ASN A 101 -19.02 8.87 -12.42
C ASN A 101 -17.52 8.65 -12.63
N PRO A 102 -16.92 9.45 -13.51
CA PRO A 102 -15.48 9.35 -13.58
C PRO A 102 -14.77 9.75 -12.28
N THR A 103 -15.40 10.60 -11.44
CA THR A 103 -14.79 10.98 -10.17
C THR A 103 -15.00 9.91 -9.03
N ASP A 104 -15.78 8.87 -9.29
CA ASP A 104 -15.87 7.73 -8.38
C ASP A 104 -14.66 6.85 -8.57
N HIS A 105 -14.51 5.82 -7.69
CA HIS A 105 -13.26 5.08 -7.56
C HIS A 105 -13.54 3.60 -7.74
N LEU A 106 -12.61 2.85 -8.29
CA LEU A 106 -12.85 1.40 -8.42
C LEU A 106 -11.54 0.61 -8.22
N ILE A 107 -11.64 -0.51 -7.48
CA ILE A 107 -10.51 -1.41 -7.35
C ILE A 107 -11.03 -2.83 -7.52
N THR A 108 -10.21 -3.72 -8.04
CA THR A 108 -10.59 -5.13 -8.18
C THR A 108 -9.34 -6.04 -7.95
N ALA A 109 -9.35 -7.32 -8.31
CA ALA A 109 -8.11 -8.08 -8.15
C ALA A 109 -7.41 -8.14 -9.50
N PHE A 110 -7.13 -9.32 -10.02
CA PHE A 110 -6.18 -9.38 -11.14
C PHE A 110 -6.84 -9.45 -12.51
N ARG A 111 -8.16 -9.71 -12.53
CA ARG A 111 -8.91 -9.88 -13.76
C ARG A 111 -9.36 -8.48 -14.19
N ALA A 112 -8.40 -7.61 -14.49
CA ALA A 112 -8.64 -6.18 -14.54
C ALA A 112 -8.56 -5.53 -15.95
N HIS A 113 -8.36 -6.30 -17.02
CA HIS A 113 -8.11 -5.66 -18.33
C HIS A 113 -9.33 -4.81 -18.73
N GLY A 114 -10.52 -5.34 -18.40
CA GLY A 114 -11.74 -4.69 -18.85
C GLY A 114 -11.85 -3.39 -18.11
N PHE A 115 -11.66 -3.41 -16.78
CA PHE A 115 -11.77 -2.17 -16.00
C PHE A 115 -10.69 -1.16 -16.34
N THR A 116 -9.54 -1.62 -16.81
CA THR A 116 -8.54 -0.65 -17.18
C THR A 116 -9.08 0.08 -18.39
N PHE A 117 -9.66 -0.67 -19.31
CA PHE A 117 -10.31 -0.05 -20.47
C PHE A 117 -11.49 0.87 -20.06
N THR A 118 -12.43 0.40 -19.25
CA THR A 118 -13.62 1.20 -19.04
C THR A 118 -13.24 2.44 -18.21
N ARG A 119 -12.10 2.37 -17.52
CA ARG A 119 -11.67 3.50 -16.66
C ARG A 119 -10.77 4.41 -17.49
N GLY A 120 -10.44 4.01 -18.71
CA GLY A 120 -9.89 5.05 -19.60
C GLY A 120 -8.52 4.83 -20.23
N LEU A 121 -7.92 3.66 -20.03
CA LEU A 121 -6.65 3.34 -20.67
C LEU A 121 -6.94 2.80 -22.06
N SER A 122 -6.00 2.99 -23.00
CA SER A 122 -6.27 2.58 -24.36
C SER A 122 -5.93 1.12 -24.49
N VAL A 123 -6.48 0.48 -25.49
CA VAL A 123 -6.14 -0.90 -25.77
C VAL A 123 -4.63 -1.06 -25.98
N ARG A 124 -4.01 -0.07 -26.59
CA ARG A 124 -2.59 -0.10 -26.84
C ARG A 124 -1.74 -0.22 -25.56
N GLU A 125 -2.00 0.65 -24.60
CA GLU A 125 -1.30 0.68 -23.32
C GLU A 125 -1.52 -0.63 -22.55
N ILE A 126 -2.70 -1.20 -22.75
CA ILE A 126 -3.07 -2.40 -22.03
C ILE A 126 -2.35 -3.57 -22.67
N LEU A 127 -2.46 -3.74 -23.97
CA LEU A 127 -1.76 -4.88 -24.59
C LEU A 127 -0.22 -4.76 -24.43
N ALA A 128 0.30 -3.54 -24.51
CA ALA A 128 1.75 -3.32 -24.54
C ALA A 128 2.36 -3.59 -23.16
N GLU A 129 1.55 -3.44 -22.12
CA GLU A 129 1.98 -3.80 -20.78
C GLU A 129 1.98 -5.31 -20.65
N LEU A 130 0.91 -5.94 -21.13
CA LEU A 130 0.85 -7.40 -21.22
C LEU A 130 2.06 -8.03 -21.95
N THR A 131 2.47 -7.47 -23.10
CA THR A 131 3.61 -8.00 -23.88
C THR A 131 4.93 -7.46 -23.31
N GLY A 132 4.84 -6.61 -22.28
CA GLY A 132 5.99 -6.20 -21.49
C GLY A 132 6.93 -5.20 -22.16
N ARG A 133 6.36 -4.24 -22.89
CA ARG A 133 7.10 -3.29 -23.77
C ARG A 133 7.09 -1.89 -23.15
N LYS A 134 7.93 -0.96 -23.65
CA LYS A 134 8.04 0.36 -23.00
C LYS A 134 6.77 1.17 -23.14
N GLY A 135 5.95 0.87 -24.16
CA GLY A 135 4.66 1.52 -24.36
C GLY A 135 3.49 0.95 -23.52
N GLY A 136 3.75 0.02 -22.61
CA GLY A 136 2.70 -0.47 -21.72
C GLY A 136 2.38 0.68 -20.80
N CYS A 137 1.19 0.68 -20.20
CA CYS A 137 0.84 1.72 -19.22
C CYS A 137 1.76 1.82 -17.96
N ALA A 138 2.60 0.79 -17.71
CA ALA A 138 3.60 0.86 -16.63
C ALA A 138 4.98 0.57 -17.21
N LYS A 139 5.20 0.94 -18.46
CA LYS A 139 6.42 0.63 -19.15
C LYS A 139 6.92 -0.82 -19.01
N GLY A 140 6.01 -1.76 -18.83
CA GLY A 140 6.38 -3.19 -18.70
C GLY A 140 6.84 -3.65 -17.30
N LYS A 141 6.69 -2.78 -16.31
CA LYS A 141 7.09 -3.08 -14.96
C LYS A 141 6.10 -4.07 -14.26
N GLY A 142 4.82 -4.00 -14.63
CA GLY A 142 3.75 -4.70 -13.89
C GLY A 142 3.13 -5.91 -14.57
N GLY A 143 2.99 -5.92 -15.91
CA GLY A 143 2.34 -7.03 -16.61
C GLY A 143 0.84 -7.15 -16.31
N SER A 144 0.28 -8.34 -16.55
CA SER A 144 -1.20 -8.49 -16.48
C SER A 144 -1.93 -7.96 -15.24
N MET A 145 -1.39 -8.21 -14.04
CA MET A 145 -2.12 -8.05 -12.75
C MET A 145 -2.05 -6.71 -12.06
N HIS A 146 -1.20 -5.79 -12.51
CA HIS A 146 -0.92 -4.63 -11.67
C HIS A 146 -1.21 -3.27 -12.34
N MET A 147 -2.22 -3.17 -13.23
CA MET A 147 -2.37 -1.93 -14.01
C MET A 147 -3.23 -0.90 -13.26
N TYR A 148 -2.80 0.35 -13.27
CA TYR A 148 -3.51 1.43 -12.60
C TYR A 148 -4.01 2.42 -13.65
N ALA A 149 -5.05 3.18 -13.29
CA ALA A 149 -5.59 4.17 -14.20
C ALA A 149 -6.23 5.24 -13.32
N LYS A 150 -7.00 6.10 -13.95
CA LYS A 150 -7.53 7.27 -13.22
C LYS A 150 -8.65 6.78 -12.27
N ASN A 151 -8.47 6.98 -10.94
CA ASN A 151 -9.40 6.48 -9.94
C ASN A 151 -9.68 4.97 -10.18
N PHE A 152 -8.65 4.27 -10.67
CA PHE A 152 -8.65 2.81 -10.74
C PHE A 152 -7.37 2.30 -10.03
N TYR A 153 -7.58 1.48 -9.00
CA TYR A 153 -6.49 1.16 -8.12
C TYR A 153 -6.05 -0.28 -8.26
N GLY A 154 -6.10 -0.78 -9.50
CA GLY A 154 -5.54 -2.13 -9.83
C GLY A 154 -6.68 -3.13 -9.75
N GLY A 155 -6.45 -4.39 -10.19
CA GLY A 155 -5.06 -4.78 -10.62
C GLY A 155 -4.22 -5.01 -9.35
N ASN A 156 -4.62 -6.02 -8.58
CA ASN A 156 -3.97 -6.43 -7.33
C ASN A 156 -3.86 -7.92 -7.41
N GLY A 157 -2.65 -8.47 -7.21
CA GLY A 157 -2.43 -9.91 -7.34
C GLY A 157 -2.65 -10.78 -6.11
N ILE A 158 -2.79 -10.20 -4.93
CA ILE A 158 -3.03 -11.05 -3.75
C ILE A 158 -4.53 -11.08 -3.43
N VAL A 159 -5.15 -12.22 -3.68
CA VAL A 159 -6.63 -12.37 -3.56
C VAL A 159 -7.20 -11.88 -2.21
N GLY A 160 -8.12 -10.93 -2.22
CA GLY A 160 -8.72 -10.52 -0.94
C GLY A 160 -8.08 -9.22 -0.47
N ALA A 161 -6.82 -8.96 -0.87
CA ALA A 161 -6.06 -7.78 -0.38
C ALA A 161 -6.63 -6.45 -0.78
N GLN A 162 -7.24 -6.43 -1.97
CA GLN A 162 -7.91 -5.24 -2.49
C GLN A 162 -9.15 -4.81 -1.73
N VAL A 163 -9.80 -5.71 -0.96
CA VAL A 163 -11.04 -5.34 -0.32
C VAL A 163 -10.75 -4.32 0.84
N PRO A 164 -9.78 -4.62 1.72
CA PRO A 164 -9.54 -3.49 2.66
C PRO A 164 -8.97 -2.21 2.00
N LEU A 165 -8.17 -2.37 0.94
CA LEU A 165 -7.79 -1.20 0.12
C LEU A 165 -8.99 -0.39 -0.31
N GLY A 166 -9.99 -1.10 -0.87
CA GLY A 166 -11.24 -0.45 -1.32
C GLY A 166 -11.93 0.33 -0.20
N ALA A 167 -12.08 -0.31 0.97
CA ALA A 167 -12.71 0.31 2.12
C ALA A 167 -11.96 1.55 2.54
N GLY A 168 -10.63 1.53 2.42
CA GLY A 168 -9.80 2.69 2.73
C GLY A 168 -9.88 3.80 1.70
N ILE A 169 -10.01 3.42 0.44
CA ILE A 169 -10.39 4.45 -0.57
C ILE A 169 -11.75 5.09 -0.25
N ALA A 170 -12.71 4.28 0.19
CA ALA A 170 -14.00 4.79 0.57
C ALA A 170 -13.88 5.68 1.79
N LEU A 171 -13.03 5.33 2.75
CA LEU A 171 -12.85 6.26 3.88
C LEU A 171 -12.35 7.65 3.42
N ALA A 172 -11.41 7.68 2.46
CA ALA A 172 -10.97 8.94 1.81
C ALA A 172 -12.12 9.67 1.13
N CYS A 173 -12.99 8.93 0.42
CA CYS A 173 -14.19 9.58 -0.15
C CYS A 173 -14.93 10.29 0.95
N LYS A 174 -15.18 9.58 2.07
CA LYS A 174 -15.99 10.20 3.08
C LYS A 174 -15.19 11.35 3.70
N TYR A 175 -13.91 11.13 3.87
CA TYR A 175 -13.07 12.12 4.48
C TYR A 175 -13.02 13.40 3.64
N ASN A 176 -12.85 13.24 2.33
CA ASN A 176 -12.75 14.38 1.40
C ASN A 176 -14.02 15.19 1.14
N GLY A 177 -15.18 14.64 1.45
CA GLY A 177 -16.43 15.38 1.39
C GLY A 177 -16.99 15.70 0.02
N LYS A 178 -16.58 14.99 -1.03
CA LYS A 178 -17.04 15.32 -2.37
C LYS A 178 -18.10 14.37 -2.94
N ASP A 179 -18.67 13.56 -2.07
CA ASP A 179 -19.75 12.62 -2.42
C ASP A 179 -19.37 11.53 -3.41
N GLU A 180 -18.08 11.24 -3.51
CA GLU A 180 -17.61 10.15 -4.35
C GLU A 180 -17.80 8.84 -3.62
N VAL A 181 -17.91 7.75 -4.38
CA VAL A 181 -18.04 6.45 -3.78
C VAL A 181 -16.97 5.53 -4.31
N CYS A 182 -16.73 4.40 -3.62
CA CYS A 182 -15.75 3.42 -4.08
C CYS A 182 -16.41 2.05 -4.34
N LEU A 183 -16.12 1.43 -5.48
CA LEU A 183 -16.61 0.14 -5.82
C LEU A 183 -15.46 -0.84 -5.64
N THR A 184 -15.64 -1.81 -4.71
CA THR A 184 -14.53 -2.69 -4.30
C THR A 184 -14.89 -4.11 -4.71
N LEU A 185 -14.24 -4.66 -5.74
CA LEU A 185 -14.65 -5.95 -6.31
C LEU A 185 -13.78 -7.10 -5.89
N TYR A 186 -14.40 -8.27 -5.69
CA TYR A 186 -13.70 -9.47 -5.36
C TYR A 186 -14.47 -10.64 -5.96
N GLY A 187 -13.79 -11.76 -6.15
CA GLY A 187 -14.40 -12.91 -6.80
C GLY A 187 -14.85 -13.89 -5.77
N ASP A 188 -15.75 -14.75 -6.16
CA ASP A 188 -16.30 -15.72 -5.22
C ASP A 188 -15.14 -16.54 -4.56
N GLY A 189 -14.06 -16.77 -5.31
CA GLY A 189 -12.89 -17.41 -4.74
C GLY A 189 -12.31 -16.74 -3.49
N ALA A 190 -12.50 -15.42 -3.34
CA ALA A 190 -11.92 -14.67 -2.25
C ALA A 190 -12.91 -14.43 -1.16
N ALA A 191 -14.15 -14.90 -1.34
CA ALA A 191 -15.23 -14.46 -0.46
C ALA A 191 -15.06 -14.98 0.97
N ASN A 192 -14.11 -15.90 1.18
CA ASN A 192 -13.79 -16.46 2.49
C ASN A 192 -12.52 -15.85 3.13
N GLN A 193 -11.95 -14.85 2.51
CA GLN A 193 -10.81 -14.17 3.07
C GLN A 193 -11.29 -13.45 4.36
N GLY A 194 -10.54 -13.63 5.45
CA GLY A 194 -10.95 -12.99 6.67
C GLY A 194 -10.85 -11.50 6.66
N GLN A 195 -9.90 -10.96 5.91
CA GLN A 195 -9.77 -9.50 5.81
C GLN A 195 -10.98 -8.83 5.10
N ILE A 196 -11.72 -9.61 4.31
CA ILE A 196 -13.00 -9.12 3.80
C ILE A 196 -14.06 -8.84 4.91
N PHE A 197 -14.25 -9.78 5.82
CA PHE A 197 -15.08 -9.53 6.98
C PHE A 197 -14.57 -8.44 7.90
N GLU A 198 -13.25 -8.34 8.07
CA GLU A 198 -12.71 -7.14 8.78
C GLU A 198 -13.17 -5.84 8.14
N ALA A 199 -13.04 -5.72 6.82
CA ALA A 199 -13.50 -4.57 6.04
C ALA A 199 -15.02 -4.35 6.10
N TYR A 200 -15.83 -5.40 5.99
CA TYR A 200 -17.27 -5.21 6.20
C TYR A 200 -17.54 -4.51 7.51
N ASN A 201 -16.98 -5.05 8.59
CA ASN A 201 -17.21 -4.49 9.92
C ASN A 201 -16.81 -3.01 10.11
N MET A 202 -15.60 -2.64 9.68
CA MET A 202 -15.16 -1.22 9.71
C MET A 202 -15.93 -0.32 8.76
N ALA A 203 -16.22 -0.82 7.57
CA ALA A 203 -17.08 -0.06 6.66
C ALA A 203 -18.44 0.24 7.26
N ALA A 204 -19.09 -0.73 7.88
CA ALA A 204 -20.37 -0.53 8.51
C ALA A 204 -20.26 0.42 9.69
N LEU A 205 -19.24 0.23 10.52
CA LEU A 205 -19.05 1.01 11.74
C LEU A 205 -18.87 2.51 11.40
N TRP A 206 -18.19 2.77 10.30
CA TRP A 206 -17.87 4.12 9.91
C TRP A 206 -18.77 4.65 8.83
N LYS A 207 -19.73 3.83 8.39
CA LYS A 207 -20.67 4.24 7.34
C LYS A 207 -19.93 4.67 6.03
N LEU A 208 -18.94 3.87 5.63
CA LEU A 208 -18.13 4.22 4.51
C LEU A 208 -18.93 4.03 3.22
N PRO A 209 -18.71 4.93 2.24
CA PRO A 209 -19.44 4.77 0.98
C PRO A 209 -18.76 3.69 0.14
N CYS A 210 -18.81 2.44 0.61
CA CYS A 210 -18.10 1.36 -0.10
C CYS A 210 -19.11 0.37 -0.67
N ILE A 211 -19.12 0.24 -1.98
CA ILE A 211 -19.96 -0.78 -2.60
C ILE A 211 -19.10 -2.01 -2.71
N PHE A 212 -19.35 -3.02 -1.88
CA PHE A 212 -18.54 -4.23 -1.96
C PHE A 212 -19.15 -5.09 -3.00
N ILE A 213 -18.39 -5.53 -3.98
CA ILE A 213 -19.03 -6.24 -5.07
C ILE A 213 -18.43 -7.64 -5.23
N CYS A 214 -19.25 -8.67 -5.17
CA CYS A 214 -18.72 -10.01 -5.39
C CYS A 214 -19.03 -10.43 -6.83
N GLU A 215 -18.00 -10.67 -7.62
CA GLU A 215 -18.18 -11.17 -8.96
C GLU A 215 -18.27 -12.66 -8.86
N ASN A 216 -19.49 -13.15 -8.87
CA ASN A 216 -19.74 -14.53 -8.72
C ASN A 216 -19.77 -15.24 -10.10
N ASN A 217 -18.69 -15.91 -10.48
CA ASN A 217 -18.69 -16.60 -11.75
C ASN A 217 -19.28 -18.02 -11.71
N ARG A 218 -20.61 -18.08 -11.90
CA ARG A 218 -21.46 -19.29 -12.04
C ARG A 218 -22.23 -19.67 -10.77
N THR A 232 -22.12 -19.79 -0.19
CA THR A 232 -22.46 -19.27 -1.55
C THR A 232 -23.68 -18.28 -1.71
N ASP A 233 -24.31 -17.81 -0.63
CA ASP A 233 -25.24 -16.65 -0.76
C ASP A 233 -24.51 -15.29 -0.60
N TYR A 234 -23.67 -14.97 -1.58
CA TYR A 234 -22.60 -13.99 -1.39
C TYR A 234 -23.11 -12.62 -0.97
N TYR A 235 -24.27 -12.22 -1.48
CA TYR A 235 -24.78 -10.88 -1.22
C TYR A 235 -25.31 -10.68 0.18
N LYS A 236 -25.37 -11.77 0.93
CA LYS A 236 -25.85 -11.79 2.31
C LYS A 236 -24.68 -11.89 3.28
N ARG A 237 -23.45 -12.13 2.77
CA ARG A 237 -22.31 -12.33 3.66
C ARG A 237 -21.87 -11.08 4.46
N GLY A 238 -22.42 -9.91 4.15
CA GLY A 238 -22.11 -8.73 4.93
C GLY A 238 -22.96 -8.67 6.19
N ASP A 239 -23.89 -9.63 6.30
CA ASP A 239 -24.68 -9.83 7.52
C ASP A 239 -25.49 -8.55 7.80
N PHE A 240 -24.97 -7.67 8.64
CA PHE A 240 -25.56 -6.35 8.97
C PHE A 240 -25.58 -5.41 7.75
N ILE A 241 -24.61 -5.52 6.85
CA ILE A 241 -24.59 -4.73 5.60
C ILE A 241 -25.63 -5.25 4.59
N PRO A 242 -26.47 -4.34 4.06
CA PRO A 242 -27.45 -4.86 3.06
C PRO A 242 -26.83 -5.33 1.72
N GLY A 243 -27.54 -6.22 1.04
CA GLY A 243 -27.05 -6.81 -0.19
C GLY A 243 -28.08 -6.81 -1.30
N LEU A 244 -27.59 -6.86 -2.54
CA LEU A 244 -28.46 -7.20 -3.66
C LEU A 244 -27.77 -8.20 -4.56
N ARG A 245 -28.55 -9.13 -5.10
CA ARG A 245 -28.08 -10.07 -6.09
C ARG A 245 -28.56 -9.66 -7.49
N VAL A 246 -27.62 -9.53 -8.43
CA VAL A 246 -27.85 -8.91 -9.72
C VAL A 246 -27.45 -9.86 -10.85
N ASP A 247 -28.16 -9.76 -11.97
CA ASP A 247 -27.85 -10.46 -13.22
C ASP A 247 -26.66 -9.78 -13.92
N GLY A 248 -25.45 -10.35 -13.75
CA GLY A 248 -24.23 -9.77 -14.32
C GLY A 248 -24.05 -10.06 -15.81
N MET A 249 -25.00 -10.76 -16.43
CA MET A 249 -25.02 -10.95 -17.89
C MET A 249 -25.84 -9.86 -18.62
N ASP A 250 -26.43 -8.93 -17.87
CA ASP A 250 -27.30 -7.94 -18.48
C ASP A 250 -26.83 -6.57 -18.09
N ILE A 251 -26.23 -5.88 -19.06
CA ILE A 251 -25.56 -4.62 -18.85
C ILE A 251 -26.57 -3.61 -18.19
N LEU A 252 -27.84 -3.74 -18.56
CA LEU A 252 -28.86 -2.79 -18.09
C LEU A 252 -29.15 -3.08 -16.62
N CYS A 253 -29.24 -4.37 -16.28
N CYS A 253 -29.23 -4.36 -16.29
CA CYS A 253 -29.41 -4.81 -14.91
CA CYS A 253 -29.41 -4.79 -14.92
C CYS A 253 -28.23 -4.33 -14.05
C CYS A 253 -28.23 -4.33 -14.05
N VAL A 254 -27.01 -4.57 -14.54
CA VAL A 254 -25.81 -4.09 -13.80
C VAL A 254 -25.84 -2.55 -13.65
N ARG A 255 -26.22 -1.85 -14.71
CA ARG A 255 -26.24 -0.37 -14.66
C ARG A 255 -27.23 0.12 -13.61
N GLU A 256 -28.43 -0.45 -13.57
CA GLU A 256 -29.42 0.04 -12.60
C GLU A 256 -29.06 -0.32 -11.18
N ALA A 257 -28.59 -1.55 -10.96
CA ALA A 257 -28.16 -1.97 -9.61
C ALA A 257 -27.08 -1.03 -9.09
N THR A 258 -26.13 -0.69 -9.97
CA THR A 258 -25.01 0.18 -9.63
C THR A 258 -25.48 1.56 -9.23
N ARG A 259 -26.38 2.12 -10.05
CA ARG A 259 -26.97 3.44 -9.79
C ARG A 259 -27.66 3.47 -8.44
N PHE A 260 -28.35 2.38 -8.13
CA PHE A 260 -29.11 2.27 -6.91
C PHE A 260 -28.11 2.22 -5.75
N ALA A 261 -27.13 1.34 -5.90
CA ALA A 261 -26.06 1.16 -4.89
C ALA A 261 -25.23 2.41 -4.66
N ALA A 262 -24.78 3.03 -5.73
CA ALA A 262 -24.08 4.32 -5.60
C ALA A 262 -24.92 5.40 -4.91
N ALA A 263 -26.22 5.43 -5.22
CA ALA A 263 -27.05 6.49 -4.67
C ALA A 263 -27.26 6.18 -3.20
N TYR A 264 -27.35 4.90 -2.88
CA TYR A 264 -27.43 4.44 -1.48
C TYR A 264 -26.26 4.97 -0.67
N CYS A 265 -25.02 4.73 -1.13
CA CYS A 265 -23.82 5.22 -0.41
C CYS A 265 -23.71 6.75 -0.35
N ARG A 266 -24.19 7.42 -1.41
CA ARG A 266 -24.06 8.85 -1.54
C ARG A 266 -24.99 9.52 -0.55
N SER A 267 -26.06 8.84 -0.19
CA SER A 267 -27.01 9.39 0.80
C SER A 267 -26.51 9.31 2.25
N GLY A 268 -25.34 8.69 2.49
CA GLY A 268 -24.75 8.59 3.83
C GLY A 268 -25.19 7.38 4.65
N LYS A 269 -25.91 6.45 4.01
CA LYS A 269 -26.34 5.18 4.65
C LYS A 269 -25.23 4.13 4.82
N GLY A 270 -24.03 4.35 4.30
CA GLY A 270 -22.98 3.41 4.59
C GLY A 270 -22.84 2.41 3.45
N PRO A 271 -22.14 1.30 3.70
CA PRO A 271 -21.79 0.35 2.65
C PRO A 271 -22.93 -0.54 2.19
N ILE A 272 -22.68 -1.22 1.07
CA ILE A 272 -23.66 -2.14 0.54
C ILE A 272 -22.94 -3.20 -0.30
N LEU A 273 -23.49 -4.41 -0.39
CA LEU A 273 -22.90 -5.52 -1.16
C LEU A 273 -23.67 -5.76 -2.44
N MET A 274 -22.97 -6.03 -3.53
CA MET A 274 -23.64 -6.35 -4.75
C MET A 274 -23.03 -7.65 -5.26
N GLU A 275 -23.85 -8.65 -5.52
CA GLU A 275 -23.28 -9.86 -6.06
C GLU A 275 -23.62 -9.84 -7.53
N LEU A 276 -22.63 -9.81 -8.41
CA LEU A 276 -22.91 -9.90 -9.84
C LEU A 276 -22.77 -11.36 -10.31
N GLN A 277 -23.88 -11.99 -10.67
CA GLN A 277 -23.82 -13.36 -11.25
C GLN A 277 -23.52 -13.38 -12.73
N THR A 278 -22.49 -14.14 -13.09
CA THR A 278 -22.10 -14.34 -14.47
C THR A 278 -21.94 -15.85 -14.66
N TYR A 279 -21.80 -16.29 -15.90
CA TYR A 279 -21.84 -17.72 -16.26
C TYR A 279 -20.81 -18.03 -17.35
N SER A 306 -27.47 -16.09 -24.09
CA SER A 306 -26.78 -15.84 -22.81
C SER A 306 -25.68 -14.76 -22.83
N ASP A 307 -24.93 -14.63 -23.94
CA ASP A 307 -23.83 -13.67 -24.12
C ASP A 307 -24.28 -12.19 -23.85
N PRO A 308 -23.54 -11.42 -23.05
CA PRO A 308 -24.02 -10.05 -22.73
C PRO A 308 -24.08 -9.06 -23.91
N ILE A 309 -23.21 -9.26 -24.91
CA ILE A 309 -23.18 -8.43 -26.09
C ILE A 309 -24.37 -8.73 -27.00
N MET A 310 -24.60 -10.00 -27.24
CA MET A 310 -25.77 -10.45 -27.95
C MET A 310 -27.09 -9.97 -27.32
N LEU A 311 -27.17 -9.93 -26.00
CA LEU A 311 -28.42 -9.56 -25.34
C LEU A 311 -28.71 -8.10 -25.68
N LEU A 312 -27.69 -7.24 -25.57
CA LEU A 312 -27.82 -5.82 -25.90
C LEU A 312 -28.13 -5.66 -27.39
N LYS A 313 -27.40 -6.36 -28.26
CA LYS A 313 -27.63 -6.33 -29.69
C LYS A 313 -29.11 -6.60 -30.05
N ASP A 314 -29.69 -7.66 -29.49
CA ASP A 314 -31.06 -8.04 -29.79
C ASP A 314 -32.00 -6.97 -29.27
N ARG A 315 -31.74 -6.47 -28.09
CA ARG A 315 -32.53 -5.40 -27.57
C ARG A 315 -32.51 -4.20 -28.50
N MET A 316 -31.34 -3.83 -29.01
CA MET A 316 -31.22 -2.64 -29.87
C MET A 316 -31.87 -2.77 -31.22
N VAL A 317 -31.69 -3.94 -31.86
CA VAL A 317 -32.36 -4.24 -33.11
C VAL A 317 -33.88 -4.37 -32.93
N ASN A 318 -34.36 -5.12 -31.94
CA ASN A 318 -35.81 -5.34 -31.88
C ASN A 318 -36.59 -4.06 -31.57
N SER A 319 -36.00 -3.16 -30.80
CA SER A 319 -36.68 -1.94 -30.48
C SER A 319 -36.30 -0.82 -31.47
N ASN A 320 -35.55 -1.18 -32.50
CA ASN A 320 -35.11 -0.24 -33.55
C ASN A 320 -34.36 1.00 -32.99
N LEU A 321 -33.48 0.76 -32.01
CA LEU A 321 -32.53 1.72 -31.53
C LEU A 321 -31.32 1.80 -32.48
N ALA A 322 -31.13 0.76 -33.27
CA ALA A 322 -29.97 0.68 -34.14
C ALA A 322 -30.24 -0.45 -35.12
N SER A 323 -29.48 -0.52 -36.21
CA SER A 323 -29.64 -1.59 -37.20
C SER A 323 -28.55 -2.64 -37.11
N VAL A 324 -28.84 -3.84 -37.58
CA VAL A 324 -27.82 -4.86 -37.73
C VAL A 324 -26.55 -4.29 -38.40
N GLU A 325 -26.72 -3.59 -39.51
CA GLU A 325 -25.62 -2.96 -40.23
C GLU A 325 -24.79 -1.97 -39.40
N GLU A 326 -25.42 -1.05 -38.64
CA GLU A 326 -24.63 -0.15 -37.77
C GLU A 326 -23.75 -0.97 -36.84
N LEU A 327 -24.32 -2.04 -36.29
CA LEU A 327 -23.62 -2.78 -35.27
C LEU A 327 -22.48 -3.55 -35.89
N LYS A 328 -22.68 -4.10 -37.08
CA LYS A 328 -21.59 -4.74 -37.83
C LYS A 328 -20.45 -3.78 -38.13
N GLU A 329 -20.77 -2.52 -38.44
CA GLU A 329 -19.74 -1.55 -38.72
C GLU A 329 -18.92 -1.18 -37.46
N ILE A 330 -19.60 -1.11 -36.32
CA ILE A 330 -18.89 -1.00 -35.06
C ILE A 330 -17.94 -2.18 -34.89
N ASP A 331 -18.44 -3.41 -35.02
CA ASP A 331 -17.57 -4.58 -34.99
C ASP A 331 -16.30 -4.44 -35.84
N VAL A 332 -16.49 -4.07 -37.11
CA VAL A 332 -15.39 -3.77 -38.06
C VAL A 332 -14.37 -2.73 -37.51
N GLU A 333 -14.87 -1.62 -36.98
CA GLU A 333 -14.00 -0.62 -36.38
C GLU A 333 -13.30 -1.11 -35.13
N VAL A 334 -13.98 -1.98 -34.37
CA VAL A 334 -13.41 -2.47 -33.14
C VAL A 334 -12.27 -3.38 -33.55
N ARG A 335 -12.52 -4.26 -34.51
CA ARG A 335 -11.45 -5.12 -34.96
C ARG A 335 -10.20 -4.32 -35.42
N LYS A 336 -10.40 -3.22 -36.13
CA LYS A 336 -9.25 -2.42 -36.55
C LYS A 336 -8.47 -1.87 -35.34
N GLU A 337 -9.19 -1.37 -34.35
CA GLU A 337 -8.60 -0.86 -33.14
C GLU A 337 -7.77 -1.93 -32.42
N ILE A 338 -8.29 -3.15 -32.38
CA ILE A 338 -7.58 -4.20 -31.71
C ILE A 338 -6.33 -4.65 -32.49
N GLU A 339 -6.44 -4.76 -33.81
CA GLU A 339 -5.25 -5.03 -34.67
C GLU A 339 -4.16 -3.95 -34.56
N ASP A 340 -4.52 -2.67 -34.64
CA ASP A 340 -3.51 -1.64 -34.50
C ASP A 340 -2.81 -1.81 -33.16
N ALA A 341 -3.60 -1.99 -32.10
CA ALA A 341 -3.07 -2.18 -30.74
C ALA A 341 -2.19 -3.41 -30.61
N ALA A 342 -2.58 -4.52 -31.25
CA ALA A 342 -1.79 -5.76 -31.16
C ALA A 342 -0.47 -5.66 -31.93
N GLN A 343 -0.47 -4.87 -33.01
CA GLN A 343 0.69 -4.69 -33.86
C GLN A 343 1.68 -3.87 -33.11
N PHE A 344 1.19 -2.80 -32.50
CA PHE A 344 2.01 -1.94 -31.69
C PHE A 344 2.55 -2.70 -30.47
N ALA A 345 1.71 -3.45 -29.79
CA ALA A 345 2.15 -4.20 -28.63
C ALA A 345 3.25 -5.20 -28.98
N THR A 346 3.23 -5.75 -30.19
CA THR A 346 4.24 -6.75 -30.57
C THR A 346 5.45 -6.10 -31.25
N ALA A 347 5.33 -4.88 -31.77
CA ALA A 347 6.45 -4.27 -32.46
C ALA A 347 7.23 -3.43 -31.46
N ASP A 348 6.52 -2.93 -30.44
CA ASP A 348 7.15 -2.05 -29.47
C ASP A 348 8.34 -2.73 -28.75
N PRO A 349 9.47 -2.01 -28.57
CA PRO A 349 10.61 -2.64 -27.88
C PRO A 349 10.41 -2.81 -26.37
N GLU A 350 11.19 -3.69 -25.76
CA GLU A 350 11.21 -3.80 -24.28
C GLU A 350 11.64 -2.50 -23.66
N PRO A 351 11.34 -2.27 -22.39
CA PRO A 351 11.88 -1.03 -21.88
C PRO A 351 13.38 -1.16 -21.75
N PRO A 352 14.08 -0.02 -21.74
CA PRO A 352 15.56 -0.13 -21.67
C PRO A 352 16.05 -0.58 -20.31
N LEU A 353 17.06 -1.46 -20.30
CA LEU A 353 17.65 -1.94 -19.07
C LEU A 353 18.05 -0.83 -18.07
N GLU A 354 18.43 0.34 -18.56
CA GLU A 354 18.87 1.38 -17.65
C GLU A 354 17.74 2.02 -16.84
N GLU A 355 16.51 1.63 -17.11
CA GLU A 355 15.41 2.14 -16.28
C GLU A 355 14.89 1.07 -15.33
N LEU A 356 15.69 0.01 -15.16
CA LEU A 356 15.29 -1.08 -14.30
C LEU A 356 14.91 -0.60 -12.90
N GLY A 357 15.73 0.27 -12.31
CA GLY A 357 15.53 0.65 -10.94
C GLY A 357 14.72 1.90 -10.73
N TYR A 358 14.06 2.39 -11.78
CA TYR A 358 13.32 3.64 -11.70
C TYR A 358 12.02 3.42 -10.95
N HIS A 359 11.56 4.46 -10.25
CA HIS A 359 10.28 4.45 -9.53
C HIS A 359 10.19 3.47 -8.34
N ILE A 360 11.21 3.44 -7.49
CA ILE A 360 11.10 2.73 -6.23
C ILE A 360 10.35 3.61 -5.21
N TYR A 361 10.74 4.89 -5.16
CA TYR A 361 10.17 5.91 -4.28
C TYR A 361 9.70 7.09 -5.11
N SER A 362 8.63 7.74 -4.64
CA SER A 362 8.05 8.96 -5.20
C SER A 362 8.73 10.18 -4.54
N SER A 363 8.96 11.25 -5.31
CA SER A 363 9.39 12.56 -4.77
C SER A 363 10.72 12.55 -4.06
N ASP A 364 11.64 11.70 -4.50
CA ASP A 364 12.96 11.63 -3.89
C ASP A 364 14.02 12.06 -4.89
N PRO A 365 15.18 12.54 -4.41
CA PRO A 365 16.35 12.66 -5.29
C PRO A 365 16.70 11.30 -5.91
N PRO A 366 17.45 11.31 -7.04
CA PRO A 366 17.89 10.05 -7.64
C PRO A 366 18.86 9.36 -6.71
N PHE A 367 19.02 8.06 -6.86
CA PHE A 367 19.95 7.27 -6.05
C PHE A 367 20.34 5.98 -6.80
N GLU A 368 21.16 5.13 -6.23
CA GLU A 368 21.61 3.96 -6.99
C GLU A 368 21.09 2.72 -6.30
N VAL A 369 20.67 1.71 -7.07
CA VAL A 369 20.27 0.41 -6.50
C VAL A 369 21.21 -0.64 -6.99
N ARG A 370 21.41 -1.64 -6.19
CA ARG A 370 22.40 -2.64 -6.49
C ARG A 370 21.69 -3.69 -7.37
N GLY A 371 22.43 -4.22 -8.34
CA GLY A 371 22.00 -5.34 -9.19
C GLY A 371 22.48 -6.65 -8.62
N ALA A 372 22.67 -7.68 -9.44
CA ALA A 372 23.06 -9.02 -9.01
C ALA A 372 24.44 -9.11 -8.35
N ASN A 373 25.32 -8.13 -8.59
CA ASN A 373 26.52 -7.98 -7.74
C ASN A 373 26.79 -6.52 -7.39
N GLN A 374 27.79 -6.26 -6.54
CA GLN A 374 27.94 -4.88 -6.07
C GLN A 374 28.46 -3.96 -7.19
N TRP A 375 28.89 -4.55 -8.31
CA TRP A 375 29.44 -3.79 -9.46
C TRP A 375 28.39 -3.38 -10.44
N ILE A 376 27.20 -3.95 -10.28
CA ILE A 376 26.08 -3.60 -11.12
C ILE A 376 25.26 -2.59 -10.35
N LYS A 377 25.14 -1.38 -10.88
CA LYS A 377 24.41 -0.31 -10.18
C LYS A 377 23.39 0.27 -11.13
N PHE A 378 22.15 0.39 -10.66
CA PHE A 378 21.05 0.91 -11.44
C PHE A 378 20.65 2.28 -10.87
N LYS A 379 20.47 3.25 -11.74
CA LYS A 379 19.96 4.52 -11.31
C LYS A 379 18.47 4.40 -10.99
N SER A 380 18.10 4.94 -9.84
CA SER A 380 16.70 5.05 -9.52
C SER A 380 16.31 6.49 -9.49
N VAL A 381 15.28 6.80 -10.26
CA VAL A 381 14.78 8.14 -10.40
C VAL A 381 13.29 8.01 -10.10
N SER A 382 12.72 8.96 -9.35
CA SER A 382 11.29 8.88 -9.05
C SER A 382 10.42 8.92 -10.30
N LEU B 1 15.22 22.28 28.30
CA LEU B 1 14.14 21.65 29.08
C LEU B 1 14.10 20.17 28.72
N GLN B 2 13.55 19.32 29.59
CA GLN B 2 13.53 17.87 29.33
C GLN B 2 12.22 17.44 28.73
N VAL B 3 12.30 16.59 27.72
CA VAL B 3 11.12 16.05 27.10
C VAL B 3 11.26 14.55 26.92
N THR B 4 10.25 13.79 27.32
CA THR B 4 10.29 12.34 27.13
C THR B 4 10.16 11.96 25.66
N VAL B 5 10.68 10.78 25.31
CA VAL B 5 10.56 10.31 23.97
C VAL B 5 9.09 10.25 23.56
N ARG B 6 8.25 9.84 24.48
CA ARG B 6 6.83 9.74 24.21
C ARG B 6 6.30 11.10 23.80
N ASP B 7 6.54 12.13 24.64
CA ASP B 7 6.14 13.49 24.34
C ASP B 7 6.73 14.05 23.04
N ALA B 8 7.89 13.57 22.61
CA ALA B 8 8.49 14.09 21.39
C ALA B 8 7.73 13.60 20.15
N ILE B 9 7.43 12.29 20.12
CA ILE B 9 6.59 11.73 19.08
C ILE B 9 5.24 12.43 19.05
N ASN B 10 4.70 12.74 20.21
CA ASN B 10 3.37 13.32 20.27
C ASN B 10 3.38 14.75 19.71
N GLN B 11 4.41 15.51 20.03
CA GLN B 11 4.67 16.82 19.42
C GLN B 11 4.73 16.71 17.88
N GLY B 12 5.48 15.75 17.39
CA GLY B 12 5.67 15.56 15.98
C GLY B 12 4.36 15.27 15.27
N MET B 13 3.58 14.30 15.76
CA MET B 13 2.24 14.05 15.17
C MET B 13 1.28 15.26 15.28
N ASP B 14 1.22 15.87 16.46
CA ASP B 14 0.39 17.06 16.66
C ASP B 14 0.73 18.07 15.56
N GLU B 15 2.00 18.43 15.40
CA GLU B 15 2.42 19.42 14.42
C GLU B 15 2.12 18.99 12.98
N GLU B 16 2.44 17.74 12.63
CA GLU B 16 2.13 17.29 11.31
C GLU B 16 0.63 17.26 11.00
N LEU B 17 -0.20 16.93 11.98
CA LEU B 17 -1.66 17.01 11.83
C LEU B 17 -2.10 18.44 11.63
N GLU B 18 -1.59 19.35 12.44
CA GLU B 18 -2.02 20.71 12.35
C GLU B 18 -1.63 21.25 10.98
N ARG B 19 -0.44 20.90 10.53
CA ARG B 19 0.11 21.46 9.31
C ARG B 19 -0.56 20.93 8.03
N ASP B 20 -1.11 19.70 8.05
CA ASP B 20 -1.76 19.17 6.87
C ASP B 20 -3.04 18.38 7.14
N GLU B 21 -4.15 18.89 6.66
CA GLU B 21 -5.46 18.29 6.89
C GLU B 21 -5.63 16.84 6.41
N LYS B 22 -4.75 16.41 5.51
CA LYS B 22 -4.80 15.04 4.92
C LYS B 22 -4.12 14.05 5.83
N VAL B 23 -3.44 14.55 6.86
CA VAL B 23 -2.82 13.60 7.84
C VAL B 23 -3.89 13.16 8.82
N PHE B 24 -3.97 11.87 9.04
CA PHE B 24 -4.84 11.36 10.12
C PHE B 24 -4.15 10.20 10.81
N LEU B 25 -4.66 9.81 11.99
CA LEU B 25 -4.06 8.73 12.80
C LEU B 25 -5.06 7.64 13.02
N LEU B 26 -4.69 6.39 12.85
CA LEU B 26 -5.66 5.38 13.14
C LEU B 26 -5.01 4.16 13.74
N GLY B 27 -5.72 3.52 14.68
CA GLY B 27 -5.23 2.24 15.20
C GLY B 27 -5.99 1.94 16.48
N GLU B 28 -5.62 0.88 17.17
CA GLU B 28 -6.37 0.43 18.34
C GLU B 28 -6.15 1.43 19.45
N GLU B 29 -7.20 1.95 20.04
CA GLU B 29 -7.02 2.86 21.23
C GLU B 29 -6.25 4.17 21.02
N VAL B 30 -5.96 4.54 19.78
CA VAL B 30 -5.34 5.86 19.57
C VAL B 30 -6.17 7.07 20.00
N ALA B 31 -7.48 6.92 20.16
CA ALA B 31 -8.31 8.08 20.55
C ALA B 31 -8.62 8.12 22.04
N GLN B 32 -8.10 7.15 22.79
CA GLN B 32 -8.47 6.97 24.21
C GLN B 32 -7.36 7.52 25.12
N TYR B 33 -7.79 8.17 26.17
CA TYR B 33 -6.81 8.86 27.00
C TYR B 33 -5.68 7.91 27.45
N ASP B 34 -5.99 6.60 27.67
CA ASP B 34 -5.01 5.55 28.15
C ASP B 34 -5.18 4.13 27.56
N GLY B 35 -5.07 3.88 26.25
CA GLY B 35 -4.47 4.77 25.30
C GLY B 35 -3.15 4.15 24.87
N ALA B 36 -3.15 2.82 24.63
CA ALA B 36 -1.93 2.10 24.24
C ALA B 36 -0.76 2.42 25.24
N TYR B 37 0.24 3.16 24.77
CA TYR B 37 1.34 3.62 25.61
C TYR B 37 1.31 5.13 25.81
N LYS B 38 0.10 5.68 25.60
CA LYS B 38 -0.22 7.09 25.82
C LYS B 38 0.49 8.03 24.84
N VAL B 39 1.03 7.47 23.77
CA VAL B 39 1.75 8.32 22.79
C VAL B 39 0.83 9.32 22.07
N SER B 40 -0.45 8.98 21.87
CA SER B 40 -1.38 9.85 21.15
C SER B 40 -2.22 10.66 22.13
N ARG B 41 -1.86 10.64 23.39
CA ARG B 41 -2.68 11.35 24.35
C ARG B 41 -2.91 12.82 23.96
N GLY B 42 -4.16 13.24 24.09
CA GLY B 42 -4.57 14.62 23.87
C GLY B 42 -4.96 14.83 22.41
N LEU B 43 -4.47 13.99 21.48
CA LEU B 43 -4.72 14.26 20.08
C LEU B 43 -6.23 14.24 19.74
N TRP B 44 -6.95 13.19 20.13
CA TRP B 44 -8.34 13.11 19.83
C TRP B 44 -9.10 14.38 20.32
N LYS B 45 -8.83 14.82 21.54
CA LYS B 45 -9.48 16.03 22.09
C LYS B 45 -9.30 17.25 21.17
N LYS B 46 -8.14 17.33 20.54
CA LYS B 46 -7.80 18.42 19.69
C LYS B 46 -8.34 18.22 18.26
N TYR B 47 -8.37 16.98 17.78
CA TYR B 47 -8.67 16.77 16.39
C TYR B 47 -9.96 16.00 16.08
N GLY B 48 -10.57 15.32 17.06
CA GLY B 48 -11.88 14.67 16.89
C GLY B 48 -11.93 13.37 16.11
N ASP B 49 -13.13 12.81 15.92
CA ASP B 49 -13.30 11.45 15.38
C ASP B 49 -12.86 11.33 13.95
N LYS B 50 -12.91 12.44 13.24
CA LYS B 50 -12.61 12.42 11.85
C LYS B 50 -11.14 12.08 11.66
N ARG B 51 -10.30 12.56 12.54
CA ARG B 51 -8.85 12.54 12.26
C ARG B 51 -8.08 11.58 13.17
N ILE B 52 -8.62 11.37 14.36
CA ILE B 52 -8.08 10.35 15.31
C ILE B 52 -9.07 9.22 15.50
N ILE B 53 -8.73 8.05 14.94
CA ILE B 53 -9.72 7.04 14.68
C ILE B 53 -9.37 5.70 15.33
N ASP B 54 -10.18 5.31 16.32
CA ASP B 54 -10.05 4.04 16.99
C ASP B 54 -10.47 2.94 16.05
N THR B 55 -9.70 1.89 15.98
CA THR B 55 -10.12 0.73 15.18
C THR B 55 -10.45 -0.49 16.06
N PRO B 56 -11.31 -1.38 15.54
CA PRO B 56 -11.43 -2.73 16.17
C PRO B 56 -10.11 -3.46 16.12
N ILE B 57 -10.02 -4.64 16.76
CA ILE B 57 -8.77 -5.47 16.71
C ILE B 57 -8.69 -6.31 15.40
N SER B 58 -8.32 -5.62 14.31
CA SER B 58 -8.47 -6.18 12.97
C SER B 58 -7.26 -5.72 12.19
N GLU B 59 -6.10 -6.26 12.48
CA GLU B 59 -4.89 -5.66 11.96
C GLU B 59 -4.84 -5.68 10.43
N MET B 60 -5.11 -6.82 9.80
CA MET B 60 -4.92 -6.87 8.37
C MET B 60 -5.86 -5.79 7.76
N GLY B 61 -7.10 -5.78 8.26
CA GLY B 61 -8.12 -4.91 7.78
C GLY B 61 -7.77 -3.46 7.97
N PHE B 62 -7.36 -3.05 9.15
CA PHE B 62 -7.22 -1.60 9.29
C PHE B 62 -5.92 -1.11 8.67
N ALA B 63 -4.96 -2.01 8.49
CA ALA B 63 -3.74 -1.60 7.81
C ALA B 63 -4.00 -1.45 6.28
N GLY B 64 -4.80 -2.36 5.71
CA GLY B 64 -5.25 -2.31 4.32
C GLY B 64 -6.08 -1.02 4.16
N ILE B 65 -7.01 -0.78 5.07
CA ILE B 65 -7.76 0.47 5.02
C ILE B 65 -6.82 1.66 4.97
N ALA B 66 -5.78 1.67 5.80
CA ALA B 66 -4.87 2.81 5.87
C ALA B 66 -4.13 2.96 4.54
N VAL B 67 -3.70 1.83 3.97
CA VAL B 67 -3.00 1.84 2.69
C VAL B 67 -3.94 2.37 1.55
N GLY B 68 -5.20 1.94 1.48
CA GLY B 68 -6.08 2.40 0.43
C GLY B 68 -6.26 3.89 0.60
N ALA B 69 -6.35 4.38 1.84
CA ALA B 69 -6.63 5.82 2.02
C ALA B 69 -5.40 6.65 1.51
N ALA B 70 -4.21 6.06 1.66
CA ALA B 70 -2.99 6.70 1.19
C ALA B 70 -3.01 6.69 -0.36
N MET B 71 -3.34 5.54 -0.96
CA MET B 71 -3.51 5.45 -2.39
C MET B 71 -4.44 6.54 -2.89
N ALA B 72 -5.55 6.76 -2.18
CA ALA B 72 -6.53 7.78 -2.56
C ALA B 72 -6.02 9.20 -2.24
N GLY B 73 -4.84 9.34 -1.64
CA GLY B 73 -4.26 10.72 -1.54
C GLY B 73 -4.23 11.28 -0.14
N LEU B 74 -4.79 10.54 0.79
CA LEU B 74 -4.72 10.92 2.19
C LEU B 74 -3.36 10.53 2.78
N ARG B 75 -3.08 10.92 4.02
CA ARG B 75 -1.73 10.62 4.59
C ARG B 75 -1.79 9.94 5.97
N PRO B 76 -2.11 8.64 5.98
CA PRO B 76 -2.40 7.93 7.20
C PRO B 76 -1.15 7.71 8.09
N ILE B 77 -1.34 7.87 9.40
CA ILE B 77 -0.37 7.30 10.38
C ILE B 77 -1.04 6.05 10.90
N CYS B 78 -0.50 4.86 10.59
CA CYS B 78 -1.17 3.65 11.00
C CYS B 78 -0.39 3.12 12.24
N GLU B 79 -1.02 3.12 13.42
CA GLU B 79 -0.30 2.66 14.59
C GLU B 79 -0.48 1.16 14.80
N PHE B 80 0.62 0.38 14.84
CA PHE B 80 0.51 -1.01 15.30
C PHE B 80 0.72 -0.91 16.82
N MET B 81 -0.11 -1.59 17.62
CA MET B 81 0.09 -1.53 19.05
C MET B 81 1.46 -2.05 19.46
N THR B 82 1.90 -3.20 18.90
CA THR B 82 3.31 -3.46 18.85
C THR B 82 3.57 -4.00 17.48
N PHE B 83 4.83 -4.01 17.01
CA PHE B 83 5.11 -4.59 15.72
C PHE B 83 4.87 -6.09 15.62
N ASN B 84 4.75 -6.74 16.74
CA ASN B 84 4.48 -8.16 16.78
C ASN B 84 3.19 -8.36 16.09
N PHE B 85 2.30 -7.37 16.26
CA PHE B 85 0.93 -7.49 15.74
C PHE B 85 0.91 -7.16 14.25
N SER B 86 1.96 -6.49 13.74
CA SER B 86 2.08 -6.13 12.31
C SER B 86 2.19 -7.36 11.47
N MET B 87 2.64 -8.46 12.07
CA MET B 87 2.72 -9.72 11.31
C MET B 87 1.37 -10.15 10.68
N GLN B 88 0.25 -9.91 11.40
CA GLN B 88 -1.10 -10.18 10.85
C GLN B 88 -1.42 -9.34 9.60
N ALA B 89 -0.83 -8.17 9.52
CA ALA B 89 -1.05 -7.24 8.40
C ALA B 89 0.15 -7.15 7.40
N ILE B 90 1.12 -8.05 7.52
CA ILE B 90 2.38 -7.81 6.84
C ILE B 90 2.28 -7.80 5.28
N ASP B 91 1.37 -8.60 4.72
CA ASP B 91 1.16 -8.55 3.29
C ASP B 91 0.67 -7.15 2.78
N GLN B 92 -0.16 -6.49 3.55
CA GLN B 92 -0.52 -5.11 3.24
C GLN B 92 0.69 -4.19 3.22
N VAL B 93 1.53 -4.25 4.25
CA VAL B 93 2.79 -3.44 4.28
C VAL B 93 3.71 -3.71 3.10
N ILE B 94 3.88 -4.99 2.75
CA ILE B 94 4.89 -5.36 1.75
C ILE B 94 4.29 -5.33 0.33
N ASN B 95 3.23 -6.09 0.13
CA ASN B 95 2.64 -6.25 -1.21
C ASN B 95 1.72 -5.14 -1.68
N SER B 96 1.01 -4.51 -0.74
CA SER B 96 0.16 -3.38 -1.14
C SER B 96 0.83 -2.05 -1.01
N ALA B 97 1.75 -1.88 -0.06
CA ALA B 97 2.31 -0.54 0.12
C ALA B 97 3.70 -0.42 -0.52
N ALA B 98 4.62 -1.27 -0.08
CA ALA B 98 6.01 -1.15 -0.49
C ALA B 98 6.17 -1.21 -2.00
N LYS B 99 5.56 -2.26 -2.61
CA LYS B 99 5.84 -2.61 -3.99
C LYS B 99 5.10 -1.80 -5.04
N THR B 100 4.15 -0.96 -4.60
CA THR B 100 3.14 -0.39 -5.49
C THR B 100 3.62 0.72 -6.41
N TYR B 101 4.42 1.63 -5.90
CA TYR B 101 4.92 2.70 -6.76
C TYR B 101 5.74 2.09 -7.91
N TYR B 102 6.59 1.14 -7.57
CA TYR B 102 7.38 0.43 -8.60
C TYR B 102 6.51 -0.28 -9.63
N MET B 103 5.61 -1.15 -9.16
CA MET B 103 4.80 -1.99 -10.09
C MET B 103 3.92 -1.15 -11.01
N SER B 104 3.47 -0.01 -10.49
CA SER B 104 2.66 0.92 -11.23
C SER B 104 3.50 1.82 -12.16
N GLY B 105 4.82 1.65 -12.22
CA GLY B 105 5.64 2.50 -13.07
C GLY B 105 5.66 3.98 -12.65
N GLY B 106 5.58 4.25 -11.36
CA GLY B 106 5.61 5.61 -10.84
C GLY B 106 4.28 6.34 -10.79
N LEU B 107 3.18 5.63 -10.99
CA LEU B 107 1.85 6.25 -11.11
C LEU B 107 1.19 6.33 -9.73
N GLN B 108 1.41 5.27 -8.91
CA GLN B 108 0.67 5.18 -7.63
C GLN B 108 1.57 5.27 -6.38
N PRO B 109 1.72 6.48 -5.79
CA PRO B 109 2.52 6.56 -4.59
C PRO B 109 1.68 6.12 -3.39
N VAL B 110 2.35 5.83 -2.26
CA VAL B 110 1.68 5.34 -1.05
C VAL B 110 2.19 6.09 0.17
N PRO B 111 1.69 7.32 0.43
CA PRO B 111 2.18 8.09 1.59
C PRO B 111 1.67 7.62 2.97
N ILE B 112 2.06 6.43 3.38
CA ILE B 112 1.65 5.84 4.66
C ILE B 112 2.79 5.72 5.67
N VAL B 113 2.50 5.96 6.95
CA VAL B 113 3.47 5.71 8.01
C VAL B 113 2.90 4.62 8.86
N PHE B 114 3.66 3.52 9.02
CA PHE B 114 3.38 2.56 10.05
C PHE B 114 4.28 2.87 11.28
N ARG B 115 3.69 3.08 12.46
CA ARG B 115 4.51 3.29 13.64
C ARG B 115 4.04 2.53 14.90
N GLY B 116 4.89 2.48 15.93
CA GLY B 116 4.55 1.74 17.16
C GLY B 116 5.80 1.07 17.73
N PRO B 117 5.74 0.64 18.98
CA PRO B 117 6.94 0.02 19.57
C PRO B 117 7.32 -1.33 18.95
N ASN B 118 8.63 -1.57 18.90
CA ASN B 118 9.24 -2.73 18.30
C ASN B 118 10.23 -3.36 19.30
N GLY B 119 10.51 -4.66 19.15
CA GLY B 119 11.49 -5.26 20.05
C GLY B 119 11.05 -5.51 21.53
N ALA B 120 12.07 -5.60 22.40
CA ALA B 120 11.94 -6.01 23.78
C ALA B 120 11.26 -4.93 24.60
N SER B 121 10.51 -5.43 25.57
CA SER B 121 9.86 -4.62 26.55
C SER B 121 10.28 -5.26 27.92
N ALA B 122 9.35 -5.39 28.86
CA ALA B 122 9.71 -5.92 30.18
C ALA B 122 8.71 -7.00 30.61
N GLY B 123 9.09 -8.26 30.45
CA GLY B 123 8.27 -9.33 30.99
C GLY B 123 7.06 -9.70 30.17
N VAL B 124 7.02 -9.33 28.90
CA VAL B 124 5.84 -9.61 28.06
C VAL B 124 6.00 -10.93 27.23
N ALA B 125 7.15 -11.59 27.39
CA ALA B 125 7.42 -12.91 26.84
C ALA B 125 7.52 -12.96 25.30
N ALA B 126 7.58 -14.16 24.71
CA ALA B 126 8.15 -14.40 23.35
C ALA B 126 7.33 -13.81 22.20
N GLN B 127 5.98 -13.84 22.34
CA GLN B 127 5.03 -13.32 21.34
C GLN B 127 4.93 -11.76 21.32
N HIS B 128 5.54 -11.11 22.28
CA HIS B 128 5.39 -9.63 22.42
C HIS B 128 6.71 -8.91 22.47
N SER B 129 7.79 -9.58 22.10
CA SER B 129 9.13 -8.99 22.27
C SER B 129 9.99 -8.94 21.02
N GLN B 130 9.39 -9.22 19.85
CA GLN B 130 10.20 -9.49 18.62
C GLN B 130 10.62 -8.19 17.98
N CYS B 131 11.86 -8.16 17.51
CA CYS B 131 12.39 -7.01 16.76
C CYS B 131 12.24 -7.35 15.28
N PHE B 132 11.67 -6.39 14.54
CA PHE B 132 11.39 -6.45 13.08
C PHE B 132 12.28 -5.58 12.22
N ALA B 133 13.40 -5.09 12.75
CA ALA B 133 14.30 -4.18 11.94
C ALA B 133 14.86 -4.88 10.73
N ALA B 134 15.52 -6.02 10.89
CA ALA B 134 16.03 -6.71 9.71
C ALA B 134 14.90 -7.09 8.75
N TRP B 135 13.75 -7.58 9.26
CA TRP B 135 12.66 -8.04 8.37
C TRP B 135 12.20 -6.92 7.44
N TYR B 136 11.83 -5.80 8.04
CA TYR B 136 11.37 -4.69 7.22
C TYR B 136 12.51 -4.14 6.39
N GLY B 137 13.73 -4.09 6.97
CA GLY B 137 14.83 -3.40 6.31
C GLY B 137 15.21 -4.11 5.02
N HIS B 138 14.86 -5.38 4.93
CA HIS B 138 15.16 -6.20 3.77
C HIS B 138 14.40 -5.80 2.52
N CYS B 139 13.35 -5.00 2.66
CA CYS B 139 12.35 -4.86 1.58
C CYS B 139 12.43 -3.62 0.72
N PRO B 140 12.72 -3.82 -0.58
CA PRO B 140 12.69 -2.68 -1.53
C PRO B 140 11.33 -1.98 -1.53
N GLY B 141 11.32 -0.65 -1.52
CA GLY B 141 10.08 0.11 -1.57
C GLY B 141 9.67 0.66 -0.22
N LEU B 142 10.25 0.10 0.83
CA LEU B 142 10.06 0.64 2.21
C LEU B 142 11.18 1.56 2.62
N LYS B 143 10.88 2.58 3.43
CA LYS B 143 11.88 3.16 4.32
C LYS B 143 11.63 2.72 5.80
N VAL B 144 12.71 2.52 6.56
CA VAL B 144 12.62 1.95 7.89
C VAL B 144 13.55 2.72 8.79
N VAL B 145 12.97 3.36 9.83
CA VAL B 145 13.73 4.16 10.77
C VAL B 145 13.54 3.60 12.18
N SER B 146 14.48 3.86 13.09
CA SER B 146 14.48 3.27 14.44
C SER B 146 15.01 4.29 15.45
N PRO B 147 14.17 5.25 15.90
CA PRO B 147 14.73 6.30 16.76
C PRO B 147 15.25 5.78 18.13
N TRP B 148 16.31 6.42 18.66
CA TRP B 148 16.72 6.09 20.04
C TRP B 148 16.11 7.14 21.02
N ASN B 149 16.48 8.41 20.89
CA ASN B 149 16.11 9.41 21.89
C ASN B 149 14.98 10.37 21.45
N SER B 150 14.74 11.42 22.22
CA SER B 150 13.60 12.29 21.96
C SER B 150 13.74 13.02 20.62
N GLU B 151 14.93 13.59 20.38
CA GLU B 151 15.25 14.22 19.12
C GLU B 151 15.06 13.24 17.96
N ASP B 152 15.70 12.07 18.01
CA ASP B 152 15.51 11.10 16.94
C ASP B 152 13.99 10.93 16.67
N ALA B 153 13.20 10.77 17.73
CA ALA B 153 11.83 10.34 17.48
C ALA B 153 10.95 11.46 16.95
N LYS B 154 11.12 12.71 17.42
CA LYS B 154 10.33 13.77 16.88
C LYS B 154 10.70 13.98 15.40
N GLY B 155 12.01 14.13 15.13
CA GLY B 155 12.46 14.47 13.78
C GLY B 155 12.19 13.38 12.75
N LEU B 156 12.33 12.10 13.13
CA LEU B 156 12.02 11.02 12.19
C LEU B 156 10.50 10.88 11.99
N ILE B 157 9.70 11.14 13.03
CA ILE B 157 8.29 10.94 12.81
C ILE B 157 7.81 12.06 11.87
N LYS B 158 8.32 13.30 12.05
CA LYS B 158 7.99 14.37 11.12
C LYS B 158 8.47 14.09 9.69
N SER B 159 9.71 13.62 9.51
CA SER B 159 10.16 13.23 8.16
C SER B 159 9.37 12.13 7.54
N ALA B 160 8.85 11.25 8.38
CA ALA B 160 8.15 10.06 7.92
C ALA B 160 6.80 10.54 7.39
N ILE B 161 6.18 11.48 8.09
CA ILE B 161 4.87 11.92 7.71
C ILE B 161 4.97 12.73 6.44
N ARG B 162 6.08 13.42 6.23
CA ARG B 162 6.26 14.18 5.04
C ARG B 162 6.71 13.35 3.85
N ASP B 163 7.23 12.15 4.07
CA ASP B 163 7.69 11.34 2.92
C ASP B 163 6.51 10.91 2.08
N ASN B 164 6.67 10.70 0.79
CA ASN B 164 5.51 10.27 0.04
C ASN B 164 5.54 8.77 -0.20
N ASN B 165 6.24 8.01 0.63
CA ASN B 165 6.30 6.50 0.49
C ASN B 165 6.11 5.76 1.80
N PRO B 166 5.97 4.41 1.77
CA PRO B 166 5.72 3.68 3.03
C PRO B 166 6.97 3.77 3.93
N VAL B 167 6.81 4.40 5.11
CA VAL B 167 7.87 4.48 6.09
C VAL B 167 7.47 3.69 7.33
N VAL B 168 8.25 2.68 7.68
CA VAL B 168 8.11 1.95 8.94
C VAL B 168 8.98 2.65 10.06
N VAL B 169 8.31 3.13 11.10
CA VAL B 169 8.99 3.72 12.21
C VAL B 169 8.92 2.77 13.40
N LEU B 170 10.07 2.23 13.75
CA LEU B 170 10.11 1.20 14.77
C LEU B 170 10.48 1.92 16.06
N GLU B 171 9.48 2.18 16.91
CA GLU B 171 9.75 2.86 18.23
C GLU B 171 10.15 1.85 19.32
N ASN B 172 10.23 2.33 20.55
CA ASN B 172 10.71 1.48 21.65
C ASN B 172 9.93 1.81 22.87
N GLU B 173 9.27 0.78 23.42
CA GLU B 173 8.39 0.99 24.54
C GLU B 173 9.18 1.33 25.82
N LEU B 174 10.37 0.77 26.03
CA LEU B 174 11.19 1.16 27.20
C LEU B 174 11.67 2.62 27.12
N MET B 175 11.82 3.13 25.89
CA MET B 175 12.32 4.48 25.67
C MET B 175 11.25 5.54 25.90
N TYR B 176 9.96 5.18 25.82
CA TYR B 176 8.92 6.24 25.88
C TYR B 176 9.02 7.21 27.06
N GLY B 177 9.27 6.69 28.25
CA GLY B 177 9.21 7.56 29.40
C GLY B 177 10.56 8.10 29.75
N VAL B 178 11.58 7.84 28.89
CA VAL B 178 12.93 8.32 29.16
C VAL B 178 13.05 9.81 28.75
N PRO B 179 13.42 10.67 29.71
CA PRO B 179 13.53 12.11 29.37
C PRO B 179 14.92 12.48 28.85
N PHE B 180 14.96 13.39 27.85
CA PHE B 180 16.20 13.90 27.29
C PHE B 180 16.12 15.42 27.21
N GLU B 181 17.24 16.11 27.32
CA GLU B 181 17.18 17.59 27.25
C GLU B 181 16.95 17.96 25.78
N PHE B 182 16.00 18.86 25.53
CA PHE B 182 15.46 19.04 24.16
C PHE B 182 15.91 20.40 23.66
N PRO B 183 16.84 20.42 22.70
CA PRO B 183 17.33 21.72 22.23
C PRO B 183 16.21 22.53 21.54
N PRO B 184 16.38 23.89 21.45
CA PRO B 184 15.35 24.77 20.88
C PRO B 184 15.03 24.40 19.45
N GLU B 185 16.04 23.90 18.74
CA GLU B 185 15.87 23.55 17.36
C GLU B 185 14.97 22.32 17.20
N ALA B 186 14.98 21.39 18.18
CA ALA B 186 14.03 20.24 18.23
C ALA B 186 12.65 20.70 18.66
N GLN B 187 12.57 21.76 19.49
CA GLN B 187 11.26 22.27 19.92
C GLN B 187 10.41 22.81 18.77
N SER B 188 11.10 23.33 17.75
CA SER B 188 10.47 23.94 16.60
C SER B 188 9.66 22.97 15.74
N LYS B 189 8.51 23.48 15.28
CA LYS B 189 7.61 22.71 14.43
C LYS B 189 8.25 22.44 13.07
N ASP B 190 9.46 23.00 12.86
CA ASP B 190 10.18 22.90 11.58
C ASP B 190 11.21 21.76 11.57
N PHE B 191 11.27 21.01 12.68
CA PHE B 191 12.38 20.17 12.92
C PHE B 191 12.21 18.83 12.20
N LEU B 192 13.22 18.47 11.41
CA LEU B 192 13.20 17.25 10.63
C LEU B 192 14.54 16.56 10.72
N ILE B 193 14.52 15.25 10.75
CA ILE B 193 15.72 14.49 10.59
C ILE B 193 15.66 13.82 9.24
N PRO B 194 16.68 14.06 8.41
CA PRO B 194 16.59 13.42 7.08
C PRO B 194 16.66 11.91 7.23
N ILE B 195 15.83 11.17 6.52
CA ILE B 195 15.87 9.73 6.55
C ILE B 195 17.09 9.31 5.74
N GLY B 196 17.77 8.24 6.14
CA GLY B 196 19.01 7.81 5.49
C GLY B 196 20.31 8.39 6.03
N LYS B 197 20.28 9.11 7.16
CA LYS B 197 21.53 9.68 7.71
C LYS B 197 21.76 9.23 9.19
N ALA B 198 22.96 8.71 9.52
CA ALA B 198 23.28 8.30 10.90
C ALA B 198 23.74 9.52 11.68
N LYS B 199 23.75 9.43 13.01
CA LYS B 199 24.31 10.51 13.85
C LYS B 199 25.49 9.96 14.65
N ILE B 200 26.59 10.71 14.69
CA ILE B 200 27.68 10.35 15.59
C ILE B 200 27.33 10.95 16.93
N GLU B 201 27.04 10.09 17.91
CA GLU B 201 26.60 10.58 19.22
C GLU B 201 27.81 10.87 20.08
N ARG B 202 28.90 10.15 19.82
CA ARG B 202 30.14 10.40 20.57
C ARG B 202 31.34 10.18 19.66
N GLN B 203 32.23 11.18 19.60
CA GLN B 203 33.41 11.10 18.74
C GLN B 203 34.46 10.24 19.40
N GLY B 204 35.23 9.51 18.59
CA GLY B 204 36.23 8.60 19.17
C GLY B 204 37.25 8.16 18.15
N THR B 205 38.34 7.59 18.65
CA THR B 205 39.52 7.28 17.83
C THR B 205 39.90 5.78 17.78
N HIS B 206 39.48 4.99 18.77
CA HIS B 206 39.92 3.59 18.90
C HIS B 206 39.00 2.51 18.34
N ILE B 207 37.70 2.78 18.34
CA ILE B 207 36.75 1.78 17.90
C ILE B 207 35.47 2.42 17.41
N THR B 208 34.95 1.88 16.31
CA THR B 208 33.61 2.24 15.86
C THR B 208 32.54 1.30 16.44
N VAL B 209 31.58 1.91 17.15
CA VAL B 209 30.43 1.14 17.71
C VAL B 209 29.13 1.71 17.15
N VAL B 210 28.40 0.85 16.46
CA VAL B 210 27.20 1.26 15.74
C VAL B 210 25.98 0.52 16.28
N SER B 211 24.91 1.30 16.53
CA SER B 211 23.71 0.71 17.13
C SER B 211 22.41 1.40 16.62
N HIS B 212 21.26 0.86 16.98
CA HIS B 212 20.03 1.58 16.74
C HIS B 212 19.07 1.35 17.89
N SER B 213 18.17 2.32 18.05
CA SER B 213 17.17 2.28 19.09
C SER B 213 17.87 2.31 20.44
N ARG B 214 17.24 1.68 21.44
CA ARG B 214 17.62 1.82 22.84
C ARG B 214 19.04 1.40 23.19
N PRO B 215 19.58 0.36 22.54
CA PRO B 215 20.95 -0.01 22.83
C PRO B 215 21.93 1.11 22.54
N VAL B 216 21.53 2.10 21.75
CA VAL B 216 22.39 3.24 21.57
C VAL B 216 22.84 3.83 22.94
N GLY B 217 21.94 3.90 23.90
CA GLY B 217 22.29 4.54 25.19
C GLY B 217 23.23 3.65 25.98
N HIS B 218 23.00 2.33 25.86
CA HIS B 218 23.94 1.34 26.37
C HIS B 218 25.31 1.46 25.74
N CYS B 219 25.35 1.81 24.46
CA CYS B 219 26.60 2.03 23.75
C CYS B 219 27.32 3.27 24.31
N LEU B 220 26.54 4.29 24.68
CA LEU B 220 27.11 5.53 25.24
C LEU B 220 27.59 5.35 26.69
N GLU B 221 26.91 4.50 27.43
CA GLU B 221 27.33 4.16 28.77
C GLU B 221 28.62 3.32 28.75
N ALA B 222 28.68 2.32 27.86
CA ALA B 222 29.88 1.52 27.65
C ALA B 222 31.07 2.43 27.31
N ALA B 223 30.85 3.35 26.37
CA ALA B 223 31.87 4.33 26.03
C ALA B 223 32.38 5.09 27.24
N ALA B 224 31.50 5.51 28.14
CA ALA B 224 31.95 6.34 29.29
C ALA B 224 32.80 5.48 30.23
N VAL B 225 32.41 4.22 30.44
CA VAL B 225 33.21 3.30 31.21
C VAL B 225 34.57 3.15 30.55
N LEU B 226 34.55 2.94 29.24
CA LEU B 226 35.78 2.74 28.48
C LEU B 226 36.76 3.91 28.44
N SER B 227 36.30 5.17 28.39
CA SER B 227 37.29 6.26 28.31
C SER B 227 38.18 6.41 29.56
N LYS B 228 37.67 5.92 30.70
CA LYS B 228 38.40 5.96 31.97
C LYS B 228 39.66 5.08 31.88
N GLU B 229 39.70 4.21 30.88
CA GLU B 229 40.86 3.39 30.57
C GLU B 229 41.64 3.82 29.34
N GLY B 230 41.36 5.02 28.82
CA GLY B 230 42.03 5.54 27.62
C GLY B 230 41.57 4.92 26.30
N VAL B 231 40.39 4.26 26.31
CA VAL B 231 39.75 3.77 25.10
C VAL B 231 38.62 4.70 24.66
N GLU B 232 38.80 5.35 23.50
CA GLU B 232 37.81 6.28 22.97
C GLU B 232 36.94 5.64 21.89
N CYS B 233 35.67 5.40 22.23
CA CYS B 233 34.72 4.85 21.29
C CYS B 233 34.03 5.96 20.45
N GLU B 234 33.94 5.74 19.14
CA GLU B 234 33.05 6.59 18.34
C GLU B 234 31.67 5.92 18.26
N VAL B 235 30.67 6.51 18.91
CA VAL B 235 29.34 5.90 18.95
C VAL B 235 28.43 6.44 17.83
N ILE B 236 27.95 5.54 16.98
CA ILE B 236 27.07 5.92 15.85
C ILE B 236 25.64 5.39 16.01
N ASN B 237 24.72 6.35 16.06
CA ASN B 237 23.26 6.18 16.09
C ASN B 237 22.71 6.04 14.67
N MET B 238 22.46 4.81 14.23
CA MET B 238 22.05 4.60 12.83
C MET B 238 20.91 5.48 12.38
N ARG B 239 19.85 5.49 13.19
CA ARG B 239 18.57 6.21 12.93
C ARG B 239 17.72 5.53 11.85
N THR B 240 18.34 5.26 10.70
CA THR B 240 17.61 4.71 9.58
C THR B 240 18.16 3.29 9.39
N ILE B 241 17.26 2.35 9.30
CA ILE B 241 17.67 0.96 8.98
C ILE B 241 17.73 0.76 7.45
N ARG B 242 16.72 1.27 6.71
CA ARG B 242 16.78 1.27 5.24
C ARG B 242 16.24 2.58 4.70
N PRO B 243 17.02 3.31 3.85
CA PRO B 243 18.42 3.06 3.41
C PRO B 243 19.43 3.47 4.49
N MET B 244 20.23 2.53 4.99
CA MET B 244 21.10 2.86 6.12
C MET B 244 22.25 3.72 5.64
N ASP B 245 22.83 4.47 6.57
CA ASP B 245 23.89 5.37 6.24
C ASP B 245 25.23 4.68 6.36
N MET B 246 25.62 3.93 5.35
CA MET B 246 26.83 3.13 5.42
C MET B 246 28.09 3.98 5.25
N GLU B 247 28.02 5.04 4.45
CA GLU B 247 29.17 5.91 4.30
C GLU B 247 29.63 6.52 5.65
N THR B 248 28.68 6.92 6.50
CA THR B 248 29.04 7.43 7.83
C THR B 248 29.78 6.34 8.61
N ILE B 249 29.30 5.11 8.50
CA ILE B 249 29.94 4.00 9.19
C ILE B 249 31.36 3.75 8.65
N GLU B 250 31.48 3.72 7.33
CA GLU B 250 32.79 3.44 6.70
C GLU B 250 33.83 4.50 7.03
N ALA B 251 33.47 5.78 6.88
CA ALA B 251 34.32 6.90 7.31
C ALA B 251 34.86 6.68 8.72
N SER B 252 33.98 6.35 9.65
CA SER B 252 34.40 6.09 11.03
C SER B 252 35.39 4.93 11.13
N VAL B 253 35.13 3.81 10.46
CA VAL B 253 36.00 2.62 10.57
C VAL B 253 37.35 2.89 9.92
N MET B 254 37.37 3.71 8.88
CA MET B 254 38.63 4.06 8.25
C MET B 254 39.48 4.91 9.22
N LYS B 255 38.82 5.55 10.19
CA LYS B 255 39.54 6.32 11.20
C LYS B 255 39.95 5.46 12.40
N THR B 256 39.07 4.55 12.84
CA THR B 256 39.31 3.82 14.08
C THR B 256 39.82 2.40 13.85
N ASN B 257 39.59 1.85 12.66
CA ASN B 257 40.18 0.55 12.32
C ASN B 257 39.50 -0.66 13.01
N HIS B 258 38.41 -0.42 13.75
CA HIS B 258 37.72 -1.48 14.49
C HIS B 258 36.23 -1.24 14.51
N LEU B 259 35.44 -2.32 14.54
CA LEU B 259 33.98 -2.19 14.58
C LEU B 259 33.26 -3.27 15.38
N VAL B 260 32.40 -2.78 16.28
CA VAL B 260 31.34 -3.54 16.93
C VAL B 260 29.96 -2.93 16.55
N THR B 261 29.06 -3.80 16.11
CA THR B 261 27.66 -3.45 15.88
C THR B 261 26.89 -3.99 17.07
N VAL B 262 25.87 -3.24 17.49
CA VAL B 262 25.06 -3.58 18.64
C VAL B 262 23.59 -3.40 18.25
N GLU B 263 22.78 -4.44 18.49
CA GLU B 263 21.33 -4.39 18.22
C GLU B 263 20.57 -5.24 19.25
N GLY B 264 19.27 -4.98 19.38
CA GLY B 264 18.45 -5.81 20.27
C GLY B 264 17.89 -7.07 19.67
N GLY B 265 17.87 -7.18 18.35
CA GLY B 265 17.04 -8.17 17.68
C GLY B 265 17.82 -9.42 17.54
N TRP B 266 17.23 -10.44 16.94
CA TRP B 266 17.95 -11.72 16.86
C TRP B 266 19.19 -11.63 15.97
N PRO B 267 20.23 -12.40 16.27
CA PRO B 267 21.51 -12.23 15.50
C PRO B 267 21.51 -12.65 14.01
N GLN B 268 20.90 -13.77 13.65
CA GLN B 268 21.04 -14.32 12.29
C GLN B 268 20.20 -13.59 11.23
N PHE B 269 20.91 -13.10 10.19
CA PHE B 269 20.29 -12.29 9.18
C PHE B 269 19.74 -11.02 9.79
N GLY B 270 20.39 -10.54 10.85
CA GLY B 270 19.94 -9.32 11.54
C GLY B 270 20.63 -8.09 11.06
N VAL B 271 20.46 -6.96 11.76
CA VAL B 271 20.98 -5.74 11.26
C VAL B 271 22.50 -5.76 11.19
N GLY B 272 23.19 -6.21 12.25
CA GLY B 272 24.63 -6.26 12.19
C GLY B 272 25.19 -7.17 11.11
N ALA B 273 24.45 -8.20 10.69
CA ALA B 273 24.91 -9.09 9.62
C ALA B 273 25.08 -8.26 8.33
N GLU B 274 24.16 -7.32 8.07
CA GLU B 274 24.24 -6.46 6.88
C GLU B 274 25.39 -5.48 6.99
N ILE B 275 25.52 -4.83 8.16
CA ILE B 275 26.59 -3.87 8.35
C ILE B 275 27.92 -4.58 8.17
N CYS B 276 28.04 -5.76 8.75
CA CYS B 276 29.27 -6.52 8.60
C CYS B 276 29.57 -6.85 7.15
N ALA B 277 28.54 -7.20 6.40
CA ALA B 277 28.71 -7.62 5.02
C ALA B 277 29.17 -6.45 4.16
N ARG B 278 28.58 -5.28 4.41
CA ARG B 278 28.92 -4.07 3.70
C ARG B 278 30.33 -3.62 4.02
N ILE B 279 30.76 -3.78 5.27
CA ILE B 279 32.09 -3.37 5.65
C ILE B 279 33.07 -4.21 4.83
N MET B 280 32.83 -5.50 4.85
CA MET B 280 33.63 -6.44 4.09
C MET B 280 33.60 -6.20 2.56
N GLU B 281 32.52 -5.62 2.02
CA GLU B 281 32.41 -5.36 0.58
C GLU B 281 32.96 -4.02 0.10
N GLY B 282 33.08 -3.06 1.01
CA GLY B 282 33.44 -1.72 0.62
C GLY B 282 34.88 -1.36 0.97
N PRO B 283 35.17 -0.05 0.91
CA PRO B 283 36.47 0.60 1.02
C PRO B 283 37.03 0.52 2.42
N ALA B 284 36.19 0.25 3.44
CA ALA B 284 36.68 0.23 4.81
C ALA B 284 37.29 -1.11 5.25
N PHE B 285 37.05 -2.17 4.48
CA PHE B 285 37.64 -3.47 4.79
C PHE B 285 39.15 -3.42 4.96
N ASN B 286 39.84 -2.77 4.02
CA ASN B 286 41.30 -2.59 4.14
C ASN B 286 41.78 -1.74 5.33
N PHE B 287 40.85 -1.11 6.05
CA PHE B 287 41.21 -0.28 7.21
C PHE B 287 40.98 -0.97 8.56
N LEU B 288 40.55 -2.23 8.51
CA LEU B 288 40.27 -3.05 9.67
C LEU B 288 41.52 -3.62 10.28
N ASP B 289 41.75 -3.33 11.55
CA ASP B 289 42.88 -3.93 12.22
C ASP B 289 42.48 -5.21 12.95
N ALA B 290 41.20 -5.60 12.81
CA ALA B 290 40.61 -6.69 13.57
C ALA B 290 39.27 -6.99 12.90
N PRO B 291 38.81 -8.25 12.88
CA PRO B 291 37.48 -8.46 12.27
C PRO B 291 36.41 -7.69 13.05
N ALA B 292 35.32 -7.27 12.39
CA ALA B 292 34.16 -6.66 13.07
C ALA B 292 33.33 -7.69 13.83
N VAL B 293 32.78 -7.33 14.99
CA VAL B 293 31.94 -8.28 15.73
C VAL B 293 30.54 -7.73 16.11
N ARG B 294 29.60 -8.64 16.33
CA ARG B 294 28.18 -8.31 16.57
C ARG B 294 27.73 -8.60 18.02
N VAL B 295 27.09 -7.61 18.62
CA VAL B 295 26.38 -7.78 19.90
C VAL B 295 24.87 -7.75 19.56
N THR B 296 24.10 -8.71 20.06
CA THR B 296 22.72 -8.88 19.67
C THR B 296 21.86 -9.39 20.86
N GLY B 297 20.60 -9.68 20.61
CA GLY B 297 19.88 -10.35 21.61
C GLY B 297 20.30 -11.81 21.48
N ALA B 298 20.05 -12.59 22.53
CA ALA B 298 20.23 -14.02 22.46
C ALA B 298 19.31 -14.62 21.39
N ASP B 299 19.75 -15.73 20.85
CA ASP B 299 19.09 -16.36 19.70
C ASP B 299 18.01 -17.33 20.19
N VAL B 300 17.08 -16.75 20.97
CA VAL B 300 15.92 -17.48 21.54
C VAL B 300 14.63 -16.68 21.42
N PRO B 301 13.49 -17.40 21.42
CA PRO B 301 12.26 -16.66 21.75
C PRO B 301 12.46 -16.00 23.12
N MET B 302 11.91 -14.82 23.32
CA MET B 302 12.12 -14.14 24.58
C MET B 302 11.48 -14.87 25.77
N PRO B 303 12.31 -15.28 26.78
CA PRO B 303 11.75 -15.92 27.97
C PRO B 303 11.15 -14.87 28.93
N TYR B 304 10.29 -15.34 29.81
CA TYR B 304 9.57 -14.48 30.71
C TYR B 304 10.42 -14.13 31.93
N ALA B 305 10.95 -15.16 32.62
CA ALA B 305 11.69 -14.97 33.89
C ALA B 305 12.71 -13.87 33.72
N LYS B 306 12.74 -13.01 34.71
CA LYS B 306 13.48 -11.80 34.64
C LYS B 306 14.95 -12.04 34.39
N ILE B 307 15.56 -12.90 35.20
CA ILE B 307 16.94 -13.22 34.95
C ILE B 307 17.19 -13.65 33.52
N LEU B 308 16.32 -14.51 32.98
CA LEU B 308 16.46 -15.01 31.61
C LEU B 308 16.33 -13.88 30.59
N GLU B 309 15.33 -13.03 30.80
CA GLU B 309 15.09 -11.90 29.93
C GLU B 309 16.29 -10.95 29.90
N ASP B 310 16.76 -10.57 31.10
CA ASP B 310 17.97 -9.72 31.27
C ASP B 310 19.18 -10.26 30.43
N ASN B 311 19.25 -11.58 30.28
CA ASN B 311 20.36 -12.24 29.62
C ASN B 311 20.05 -12.62 28.19
N SER B 312 18.94 -12.07 27.72
CA SER B 312 18.50 -12.29 26.37
C SER B 312 18.60 -11.01 25.54
N ILE B 313 18.90 -9.90 26.22
CA ILE B 313 19.18 -8.66 25.56
C ILE B 313 20.62 -8.19 25.86
N PRO B 314 21.22 -7.50 24.91
CA PRO B 314 22.57 -6.99 25.14
C PRO B 314 22.64 -6.02 26.33
N GLN B 315 23.61 -6.23 27.20
CA GLN B 315 23.82 -5.31 28.35
C GLN B 315 25.09 -4.50 28.12
N VAL B 316 25.19 -3.34 28.77
CA VAL B 316 26.43 -2.58 28.73
C VAL B 316 27.68 -3.46 28.89
N LYS B 317 27.71 -4.35 29.89
CA LYS B 317 28.83 -5.29 30.05
C LYS B 317 29.11 -6.17 28.82
N ASP B 318 28.09 -6.51 28.03
CA ASP B 318 28.30 -7.39 26.87
C ASP B 318 28.98 -6.63 25.74
N ILE B 319 28.68 -5.34 25.74
CA ILE B 319 29.21 -4.40 24.76
C ILE B 319 30.69 -4.18 25.05
N ILE B 320 31.01 -3.81 26.29
CA ILE B 320 32.37 -3.62 26.75
C ILE B 320 33.16 -4.89 26.46
N PHE B 321 32.60 -6.03 26.82
CA PHE B 321 33.31 -7.30 26.57
C PHE B 321 33.71 -7.44 25.11
N ALA B 322 32.80 -7.08 24.20
CA ALA B 322 32.95 -7.32 22.77
C ALA B 322 34.02 -6.41 22.24
N ILE B 323 33.93 -5.16 22.65
CA ILE B 323 34.90 -4.13 22.35
C ILE B 323 36.33 -4.49 22.82
N LYS B 324 36.50 -4.85 24.08
CA LYS B 324 37.81 -5.33 24.53
C LYS B 324 38.32 -6.53 23.72
N LYS B 325 37.45 -7.48 23.41
CA LYS B 325 37.83 -8.63 22.58
C LYS B 325 38.41 -8.17 21.23
N THR B 326 37.75 -7.20 20.59
CA THR B 326 38.19 -6.63 19.31
C THR B 326 39.49 -5.81 19.40
N LEU B 327 39.61 -4.99 20.43
CA LEU B 327 40.84 -4.26 20.63
C LEU B 327 41.92 -5.14 21.27
N ASN B 328 41.55 -6.37 21.63
CA ASN B 328 42.47 -7.32 22.29
C ASN B 328 43.04 -6.79 23.61
N ILE B 329 42.18 -6.25 24.46
CA ILE B 329 42.65 -5.66 25.69
C ILE B 329 41.92 -6.19 26.92
K K C . 4.39 10.22 4.66
CL CL D . -10.12 -8.25 -33.25
K K E . 7.47 2.75 28.88
#